data_3S5Z
#
_entry.id   3S5Z
#
_cell.length_a   89.313
_cell.length_b   140.606
_cell.length_c   182.486
_cell.angle_alpha   90.00
_cell.angle_beta   90.00
_cell.angle_gamma   90.00
#
_symmetry.space_group_name_H-M   'C 2 2 21'
#
loop_
_entity.id
_entity.type
_entity.pdbx_description
1 polymer 'Alpha-galactosidase A'
2 branched beta-D-xylopyranose-(1-2)-[alpha-D-mannopyranose-(1-3)][alpha-D-mannopyranose-(1-6)]beta-D-mannopyranose-(1-4)-2-acetamido-2-deoxy-beta-D-glucopyranose-(1-4)-[alpha-L-fucopyranose-(1-3)]2-acetamido-2-deoxy-beta-D-glucopyranose
3 branched alpha-L-fucopyranose-(1-3)-[2-acetamido-2-deoxy-beta-D-glucopyranose-(1-4)]2-acetamido-2-deoxy-beta-D-glucopyranose
4 branched beta-D-xylopyranose-(1-2)-[alpha-D-mannopyranose-(1-3)]beta-D-mannopyranose-(1-4)-2-acetamido-2-deoxy-beta-D-glucopyranose-(1-4)-2-acetamido-2-deoxy-beta-D-glucopyranose
5 branched beta-D-mannopyranose-(1-4)-2-acetamido-2-deoxy-beta-D-glucopyranose-(1-4)-[alpha-L-fucopyranose-(1-3)]2-acetamido-2-deoxy-beta-D-glucopyranose
6 non-polymer alpha-D-galactopyranose
7 non-polymer beta-D-galactopyranose
8 non-polymer 2-acetamido-2-deoxy-beta-D-glucopyranose
9 non-polymer GLYCEROL
10 water water
#
_entity_poly.entity_id   1
_entity_poly.type   'polypeptide(L)'
_entity_poly.pdbx_seq_one_letter_code
;LDNGLARTPTMGWLHWERFMCNLDCQEEPDSCISEKLFMEMAELMVSEGWKDAGYEYLCIDDCWMAPQRDSEGRLQADPQ
RFPHGIRQLANYVHSKGLKLGIYADVGNKTCAGFPGSFGYYDIDAQTFADWGVDLLKFDGCYCDSLENLADGYKHMSLAL
NRTGRSIVYSCEWPLYMWPFQKPNYTEIRQYCNHWRNFADIDDSWKSIKSILDWTSFNQERIVDVAGPGGWNDPDMLVIG
NFGLSWNQQVTQMALWAIMAAPLFMSNDLRHISPQAKALLQDKDVIAINQDPLGKQGYQLRQGDNFEVWERPLSGLAWAV
AMINRQEIGGPRSYTIAVASLGKGVACNPACFITQLLPVKRKLGFYEWTSRLRSHINPTGTVLLQLENTMQMSLKDLL
;
_entity_poly.pdbx_strand_id   A,B
#
# COMPACT_ATOMS: atom_id res chain seq x y z
N LEU A 1 -32.27 -14.57 1.64
CA LEU A 1 -33.40 -14.49 2.61
C LEU A 1 -34.55 -13.70 2.00
N ASP A 2 -35.75 -14.30 1.97
CA ASP A 2 -36.88 -13.72 1.27
C ASP A 2 -37.70 -12.82 2.18
N ASN A 3 -37.10 -11.72 2.64
CA ASN A 3 -37.77 -10.78 3.53
C ASN A 3 -38.03 -9.45 2.85
N GLY A 4 -37.88 -9.42 1.52
CA GLY A 4 -38.03 -8.18 0.76
C GLY A 4 -36.89 -7.18 0.87
N LEU A 5 -35.84 -7.52 1.61
CA LEU A 5 -34.74 -6.56 1.84
C LEU A 5 -33.52 -6.93 1.01
N ALA A 6 -32.60 -5.98 0.88
CA ALA A 6 -31.32 -6.23 0.20
C ALA A 6 -31.56 -6.72 -1.23
N ARG A 7 -32.48 -6.09 -1.93
CA ARG A 7 -32.78 -6.46 -3.32
C ARG A 7 -31.62 -6.00 -4.21
N THR A 8 -30.90 -4.99 -3.74
CA THR A 8 -29.57 -4.66 -4.20
C THR A 8 -28.63 -4.73 -2.98
N PRO A 9 -27.31 -4.84 -3.20
CA PRO A 9 -26.43 -4.97 -2.03
C PRO A 9 -26.59 -3.79 -1.06
N THR A 10 -26.59 -4.09 0.24
CA THR A 10 -26.78 -3.07 1.27
C THR A 10 -25.60 -2.10 1.27
N MET A 11 -25.89 -0.82 1.38
CA MET A 11 -24.87 0.21 1.44
C MET A 11 -24.94 0.94 2.78
N GLY A 12 -23.79 1.23 3.37
CA GLY A 12 -23.75 1.89 4.66
C GLY A 12 -22.35 2.13 5.19
N TRP A 13 -22.29 2.44 6.48
CA TRP A 13 -21.06 2.71 7.19
C TRP A 13 -21.01 1.80 8.43
N LEU A 14 -19.83 1.25 8.71
CA LEU A 14 -19.62 0.30 9.79
C LEU A 14 -18.33 0.70 10.52
N HIS A 15 -18.38 0.79 11.85
CA HIS A 15 -17.27 1.41 12.61
C HIS A 15 -16.01 0.55 12.67
N TRP A 16 -16.14 -0.75 12.44
CA TRP A 16 -15.13 -1.67 12.96
C TRP A 16 -13.69 -1.43 12.48
N GLU A 17 -13.45 -1.43 11.17
CA GLU A 17 -12.06 -1.44 10.71
C GLU A 17 -11.31 -0.19 11.19
N ARG A 18 -11.96 0.97 11.11
CA ARG A 18 -11.32 2.24 11.48
C ARG A 18 -11.29 2.51 13.00
N PHE A 19 -12.37 2.18 13.71
CA PHE A 19 -12.46 2.54 15.15
C PHE A 19 -12.33 1.37 16.12
N MET A 20 -12.51 0.15 15.62
CA MET A 20 -12.30 -1.07 16.39
C MET A 20 -12.98 -1.08 17.78
N CYS A 21 -12.27 -1.54 18.82
CA CYS A 21 -12.84 -1.71 20.15
C CYS A 21 -12.23 -0.69 21.13
N ASN A 22 -12.35 0.58 20.78
CA ASN A 22 -11.78 1.65 21.58
C ASN A 22 -12.75 2.05 22.71
N LEU A 23 -12.44 1.62 23.93
CA LEU A 23 -13.28 1.89 25.10
C LEU A 23 -12.80 3.08 25.96
N ASP A 24 -11.73 3.74 25.55
CA ASP A 24 -11.09 4.77 26.38
C ASP A 24 -11.59 6.18 26.05
N CYS A 25 -12.74 6.55 26.61
CA CYS A 25 -13.30 7.87 26.30
CA CYS A 25 -13.37 7.86 26.38
C CYS A 25 -12.66 9.00 27.12
N GLN A 26 -11.81 8.66 28.09
CA GLN A 26 -11.07 9.68 28.83
C GLN A 26 -9.95 10.25 27.96
N GLU A 27 -9.08 9.36 27.47
CA GLU A 27 -7.94 9.77 26.63
C GLU A 27 -8.35 10.11 25.19
N GLU A 28 -9.32 9.38 24.64
CA GLU A 28 -9.67 9.52 23.23
C GLU A 28 -11.18 9.67 23.05
N PRO A 29 -11.75 10.77 23.57
CA PRO A 29 -13.20 10.98 23.55
C PRO A 29 -13.79 11.03 22.14
N ASP A 30 -13.04 11.53 21.17
CA ASP A 30 -13.55 11.72 19.83
C ASP A 30 -13.47 10.47 18.94
N SER A 31 -12.81 9.41 19.42
CA SER A 31 -12.72 8.17 18.64
C SER A 31 -13.10 6.89 19.40
N CYS A 32 -13.53 7.01 20.67
CA CYS A 32 -13.99 5.83 21.41
C CYS A 32 -15.38 5.45 20.91
N ILE A 33 -15.75 4.18 21.08
CA ILE A 33 -17.03 3.69 20.58
C ILE A 33 -18.15 4.17 21.50
N SER A 34 -18.86 5.20 21.07
CA SER A 34 -19.84 5.88 21.90
C SER A 34 -20.98 6.43 21.06
N GLU A 35 -22.05 6.85 21.72
CA GLU A 35 -23.20 7.39 21.01
C GLU A 35 -22.83 8.65 20.23
N LYS A 36 -21.89 9.43 20.75
CA LYS A 36 -21.47 10.67 20.07
C LYS A 36 -20.78 10.38 18.72
N LEU A 37 -19.96 9.33 18.66
CA LEU A 37 -19.33 8.94 17.41
C LEU A 37 -20.38 8.69 16.33
N PHE A 38 -21.41 7.91 16.66
CA PHE A 38 -22.44 7.54 15.71
C PHE A 38 -23.35 8.69 15.33
N MET A 39 -23.67 9.55 16.29
CA MET A 39 -24.49 10.72 16.01
C MET A 39 -23.78 11.66 15.04
N GLU A 40 -22.48 11.87 15.24
CA GLU A 40 -21.67 12.69 14.34
C GLU A 40 -21.59 12.09 12.94
N MET A 41 -21.35 10.79 12.86
CA MET A 41 -21.34 10.11 11.56
C MET A 41 -22.69 10.25 10.85
N ALA A 42 -23.78 10.10 11.58
CA ALA A 42 -25.11 10.19 11.00
C ALA A 42 -25.35 11.56 10.38
N GLU A 43 -24.91 12.60 11.09
CA GLU A 43 -25.03 13.98 10.59
C GLU A 43 -24.28 14.15 9.27
N LEU A 44 -23.05 13.64 9.24
CA LEU A 44 -22.20 13.74 8.06
C LEU A 44 -22.70 12.89 6.91
N MET A 45 -23.32 11.75 7.19
CA MET A 45 -23.89 10.92 6.12
C MET A 45 -24.93 11.72 5.32
N VAL A 46 -25.65 12.60 6.00
CA VAL A 46 -26.63 13.46 5.35
C VAL A 46 -26.01 14.70 4.70
N SER A 47 -25.20 15.43 5.46
CA SER A 47 -24.66 16.71 4.99
C SER A 47 -23.57 16.60 3.92
N GLU A 48 -22.85 15.47 3.89
CA GLU A 48 -21.75 15.29 2.92
C GLU A 48 -22.11 14.40 1.73
N GLY A 49 -23.40 14.13 1.54
CA GLY A 49 -23.89 13.50 0.32
C GLY A 49 -23.87 11.98 0.31
N TRP A 50 -23.52 11.36 1.43
CA TRP A 50 -23.42 9.88 1.48
C TRP A 50 -24.76 9.18 1.33
N LYS A 51 -25.78 9.69 2.02
CA LYS A 51 -27.14 9.17 1.89
C LYS A 51 -27.64 9.31 0.46
N ASP A 52 -27.43 10.48 -0.15
CA ASP A 52 -27.82 10.71 -1.53
C ASP A 52 -27.17 9.71 -2.51
N ALA A 53 -25.92 9.35 -2.26
CA ALA A 53 -25.21 8.40 -3.12
C ALA A 53 -25.73 6.96 -2.88
N GLY A 54 -26.37 6.73 -1.74
CA GLY A 54 -27.03 5.45 -1.45
C GLY A 54 -26.66 4.79 -0.13
N TYR A 55 -25.70 5.36 0.60
CA TYR A 55 -25.26 4.83 1.89
C TYR A 55 -26.29 5.20 2.95
N GLU A 56 -27.12 4.23 3.36
CA GLU A 56 -28.21 4.51 4.28
C GLU A 56 -28.14 3.80 5.62
N TYR A 57 -27.32 2.76 5.74
CA TYR A 57 -27.21 2.05 7.02
C TYR A 57 -26.01 2.56 7.82
N LEU A 58 -26.29 3.07 9.01
CA LEU A 58 -25.27 3.43 9.97
C LEU A 58 -25.21 2.29 10.96
N CYS A 59 -24.08 1.58 11.01
CA CYS A 59 -23.98 0.31 11.70
C CYS A 59 -22.98 0.30 12.83
N ILE A 60 -23.42 -0.20 13.98
CA ILE A 60 -22.60 -0.32 15.17
C ILE A 60 -22.05 -1.73 15.16
N ASP A 61 -20.74 -1.87 15.26
CA ASP A 61 -20.11 -3.19 15.33
C ASP A 61 -19.90 -3.57 16.81
N ASP A 62 -18.98 -4.48 17.09
CA ASP A 62 -18.73 -5.01 18.43
C ASP A 62 -18.33 -3.89 19.39
N CYS A 63 -18.39 -4.18 20.69
CA CYS A 63 -18.01 -3.25 21.77
C CYS A 63 -18.97 -2.08 22.02
N TRP A 64 -20.26 -2.29 21.75
CA TRP A 64 -21.31 -1.36 22.16
C TRP A 64 -21.95 -1.77 23.49
N MET A 65 -21.74 -3.02 23.89
CA MET A 65 -22.47 -3.61 25.00
C MET A 65 -21.83 -3.35 26.35
N ALA A 66 -22.66 -3.40 27.40
CA ALA A 66 -22.15 -3.45 28.77
C ALA A 66 -21.68 -4.87 29.00
N PRO A 67 -20.80 -5.07 30.00
CA PRO A 67 -20.24 -6.40 30.23
C PRO A 67 -21.26 -7.47 30.68
N GLN A 68 -22.41 -7.05 31.20
CA GLN A 68 -23.43 -7.98 31.70
C GLN A 68 -24.80 -7.67 31.11
N ARG A 69 -25.66 -8.67 31.07
CA ARG A 69 -27.07 -8.47 30.74
C ARG A 69 -27.77 -7.86 31.94
N ASP A 70 -28.88 -7.17 31.70
CA ASP A 70 -29.66 -6.59 32.80
C ASP A 70 -30.48 -7.68 33.52
N SER A 71 -31.20 -7.29 34.56
CA SER A 71 -31.91 -8.25 35.42
C SER A 71 -33.08 -8.93 34.71
N GLU A 72 -33.54 -8.34 33.61
CA GLU A 72 -34.49 -9.00 32.73
C GLU A 72 -33.83 -9.84 31.61
N GLY A 73 -32.52 -10.10 31.74
CA GLY A 73 -31.80 -10.96 30.77
C GLY A 73 -31.57 -10.33 29.40
N ARG A 74 -31.64 -9.00 29.32
CA ARG A 74 -31.46 -8.29 28.06
C ARG A 74 -30.04 -7.73 27.93
N LEU A 75 -29.54 -7.70 26.70
CA LEU A 75 -28.33 -6.93 26.37
C LEU A 75 -28.57 -5.47 26.71
N GLN A 76 -27.53 -4.79 27.17
CA GLN A 76 -27.62 -3.36 27.42
C GLN A 76 -26.46 -2.63 26.77
N ALA A 77 -26.73 -1.42 26.29
CA ALA A 77 -25.69 -0.54 25.79
C ALA A 77 -24.83 -0.11 26.96
N ASP A 78 -23.55 0.13 26.71
CA ASP A 78 -22.67 0.56 27.80
C ASP A 78 -23.20 1.86 28.38
N PRO A 79 -23.42 1.90 29.71
CA PRO A 79 -24.02 3.08 30.34
C PRO A 79 -23.20 4.37 30.24
N GLN A 80 -21.87 4.27 30.25
CA GLN A 80 -21.03 5.48 30.11
C GLN A 80 -20.86 5.95 28.66
N ARG A 81 -20.78 5.01 27.72
CA ARG A 81 -20.54 5.36 26.31
C ARG A 81 -21.83 5.59 25.53
N PHE A 82 -22.90 4.89 25.90
CA PHE A 82 -24.22 5.14 25.35
C PHE A 82 -25.22 5.47 26.48
N PRO A 83 -25.01 6.62 27.15
CA PRO A 83 -25.85 6.95 28.30
C PRO A 83 -27.33 7.09 27.96
N HIS A 84 -27.63 7.56 26.76
CA HIS A 84 -29.01 7.74 26.31
C HIS A 84 -29.61 6.48 25.67
N GLY A 85 -28.84 5.39 25.57
CA GLY A 85 -29.35 4.12 25.05
C GLY A 85 -29.54 4.02 23.55
N ILE A 86 -29.72 2.79 23.07
CA ILE A 86 -29.82 2.50 21.63
C ILE A 86 -31.11 3.02 20.98
N ARG A 87 -32.22 2.97 21.70
CA ARG A 87 -33.49 3.44 21.16
C ARG A 87 -33.41 4.90 20.73
N GLN A 88 -32.85 5.74 21.59
CA GLN A 88 -32.72 7.17 21.28
C GLN A 88 -31.73 7.45 20.14
N LEU A 89 -30.68 6.63 20.04
CA LEU A 89 -29.78 6.69 18.90
C LEU A 89 -30.51 6.26 17.63
N ALA A 90 -31.27 5.16 17.72
CA ALA A 90 -32.08 4.70 16.58
C ALA A 90 -33.06 5.77 16.11
N ASN A 91 -33.73 6.43 17.06
CA ASN A 91 -34.64 7.52 16.70
C ASN A 91 -33.93 8.68 16.04
N TYR A 92 -32.76 9.03 16.56
CA TYR A 92 -31.95 10.11 15.98
C TYR A 92 -31.55 9.75 14.55
N VAL A 93 -31.07 8.53 14.36
CA VAL A 93 -30.68 8.06 13.03
C VAL A 93 -31.87 8.06 12.08
N HIS A 94 -33.01 7.51 12.51
CA HIS A 94 -34.23 7.51 11.70
C HIS A 94 -34.69 8.92 11.34
N SER A 95 -34.49 9.88 12.25
CA SER A 95 -34.92 11.27 11.99
C SER A 95 -34.10 11.92 10.85
N LYS A 96 -32.92 11.38 10.59
CA LYS A 96 -32.07 11.84 9.48
C LYS A 96 -32.37 11.10 8.17
N GLY A 97 -33.30 10.15 8.20
CA GLY A 97 -33.65 9.36 7.01
C GLY A 97 -32.73 8.15 6.81
N LEU A 98 -32.03 7.76 7.88
CA LEU A 98 -31.07 6.68 7.83
C LEU A 98 -31.62 5.46 8.57
N LYS A 99 -30.91 4.34 8.46
CA LYS A 99 -31.26 3.12 9.16
C LYS A 99 -30.11 2.72 10.07
N LEU A 100 -30.43 2.05 11.18
CA LEU A 100 -29.43 1.71 12.18
C LEU A 100 -29.13 0.23 12.15
N GLY A 101 -27.84 -0.10 12.14
CA GLY A 101 -27.36 -1.48 12.26
C GLY A 101 -26.71 -1.69 13.60
N ILE A 102 -26.73 -2.94 14.08
CA ILE A 102 -26.14 -3.30 15.36
C ILE A 102 -25.51 -4.69 15.23
N TYR A 103 -24.70 -5.08 16.21
CA TYR A 103 -23.93 -6.30 16.17
C TYR A 103 -24.26 -7.22 17.35
N ALA A 104 -24.24 -8.52 17.10
CA ALA A 104 -24.37 -9.52 18.17
C ALA A 104 -23.68 -10.77 17.69
N ASP A 105 -23.66 -11.79 18.54
CA ASP A 105 -22.91 -13.00 18.25
C ASP A 105 -23.72 -14.25 18.63
N VAL A 106 -23.64 -15.26 17.76
CA VAL A 106 -24.41 -16.49 17.90
C VAL A 106 -23.96 -17.36 19.07
N GLY A 107 -22.74 -17.15 19.55
CA GLY A 107 -22.18 -17.98 20.63
C GLY A 107 -22.34 -17.35 21.99
N ASN A 108 -21.50 -17.78 22.92
CA ASN A 108 -21.58 -17.32 24.31
C ASN A 108 -21.05 -15.92 24.52
N LYS A 109 -20.16 -15.47 23.64
CA LYS A 109 -19.57 -14.12 23.74
C LYS A 109 -19.33 -13.52 22.36
N THR A 110 -19.26 -12.20 22.30
CA THR A 110 -18.84 -11.52 21.07
C THR A 110 -17.34 -11.74 20.91
N CYS A 111 -16.82 -11.53 19.70
CA CYS A 111 -15.39 -11.76 19.48
CA CYS A 111 -15.39 -11.70 19.43
C CYS A 111 -14.53 -10.89 20.41
N ALA A 112 -15.01 -9.70 20.75
CA ALA A 112 -14.30 -8.83 21.70
C ALA A 112 -14.56 -9.20 23.17
N GLY A 113 -15.42 -10.18 23.43
CA GLY A 113 -15.59 -10.72 24.78
C GLY A 113 -16.84 -10.32 25.55
N PHE A 114 -17.71 -9.51 24.93
CA PHE A 114 -18.97 -9.09 25.55
C PHE A 114 -20.04 -10.18 25.43
N PRO A 115 -21.22 -9.97 26.03
CA PRO A 115 -22.22 -11.05 26.07
C PRO A 115 -22.71 -11.54 24.70
N GLY A 116 -22.68 -12.85 24.51
CA GLY A 116 -23.20 -13.48 23.32
C GLY A 116 -24.70 -13.74 23.44
N SER A 117 -25.32 -14.07 22.31
CA SER A 117 -26.76 -14.28 22.27
C SER A 117 -27.19 -15.74 22.41
N PHE A 118 -26.24 -16.67 22.51
CA PHE A 118 -26.57 -18.08 22.71
C PHE A 118 -27.42 -18.22 23.96
N GLY A 119 -28.56 -18.91 23.81
CA GLY A 119 -29.57 -19.03 24.88
C GLY A 119 -30.51 -17.83 25.00
N TYR A 120 -30.33 -16.81 24.17
CA TYR A 120 -31.13 -15.58 24.28
C TYR A 120 -31.61 -15.06 22.93
N TYR A 121 -31.74 -15.94 21.94
CA TYR A 121 -32.00 -15.52 20.57
C TYR A 121 -33.31 -14.72 20.45
N ASP A 122 -34.40 -15.29 20.96
CA ASP A 122 -35.71 -14.63 20.90
C ASP A 122 -35.72 -13.30 21.68
N ILE A 123 -35.24 -13.35 22.91
CA ILE A 123 -35.12 -12.13 23.73
C ILE A 123 -34.33 -11.04 23.01
N ASP A 124 -33.23 -11.42 22.37
CA ASP A 124 -32.37 -10.46 21.68
C ASP A 124 -33.00 -9.89 20.41
N ALA A 125 -33.63 -10.75 19.62
CA ALA A 125 -34.33 -10.28 18.41
C ALA A 125 -35.40 -9.27 18.80
N GLN A 126 -36.16 -9.60 19.84
CA GLN A 126 -37.22 -8.72 20.32
C GLN A 126 -36.69 -7.39 20.84
N THR A 127 -35.58 -7.43 21.57
CA THR A 127 -34.94 -6.21 22.05
C THR A 127 -34.56 -5.31 20.89
N PHE A 128 -33.91 -5.90 19.87
CA PHE A 128 -33.45 -5.13 18.70
C PHE A 128 -34.63 -4.53 17.96
N ALA A 129 -35.67 -5.33 17.72
CA ALA A 129 -36.89 -4.82 17.07
C ALA A 129 -37.57 -3.70 17.86
N ASP A 130 -37.73 -3.90 19.17
N ASP A 130 -37.74 -3.92 19.17
CA ASP A 130 -38.34 -2.89 20.01
CA ASP A 130 -38.26 -2.91 20.11
C ASP A 130 -37.51 -1.58 19.99
C ASP A 130 -37.51 -1.59 19.98
N TRP A 131 -36.19 -1.68 19.91
CA TRP A 131 -35.33 -0.49 19.78
C TRP A 131 -35.44 0.22 18.43
N GLY A 132 -35.87 -0.48 17.39
CA GLY A 132 -35.96 0.12 16.06
C GLY A 132 -34.75 -0.19 15.18
N VAL A 133 -33.98 -1.22 15.54
CA VAL A 133 -32.85 -1.67 14.73
C VAL A 133 -33.33 -2.14 13.35
N ASP A 134 -32.57 -1.81 12.31
CA ASP A 134 -32.90 -2.13 10.92
C ASP A 134 -31.97 -3.16 10.27
N LEU A 135 -30.85 -3.46 10.93
CA LEU A 135 -29.90 -4.43 10.42
C LEU A 135 -29.19 -5.07 11.59
N LEU A 136 -28.95 -6.36 11.49
CA LEU A 136 -28.20 -7.08 12.49
C LEU A 136 -27.04 -7.81 11.82
N LYS A 137 -25.83 -7.54 12.31
CA LYS A 137 -24.65 -8.29 11.90
C LYS A 137 -24.42 -9.32 13.00
N PHE A 138 -24.37 -10.59 12.62
CA PHE A 138 -24.41 -11.66 13.58
C PHE A 138 -23.18 -12.56 13.40
N ASP A 139 -22.29 -12.49 14.39
CA ASP A 139 -20.97 -13.04 14.30
C ASP A 139 -20.94 -14.46 14.88
N GLY A 140 -19.85 -15.18 14.65
CA GLY A 140 -19.79 -16.61 14.93
C GLY A 140 -18.77 -17.05 15.96
N CYS A 141 -18.23 -16.11 16.73
CA CYS A 141 -17.24 -16.43 17.77
C CYS A 141 -17.85 -17.19 18.94
N TYR A 142 -16.99 -17.89 19.69
CA TYR A 142 -17.36 -18.61 20.91
C TYR A 142 -18.59 -19.50 20.73
N CYS A 143 -18.62 -20.22 19.61
CA CYS A 143 -19.62 -21.24 19.36
C CYS A 143 -18.89 -22.55 19.03
N ASP A 144 -18.74 -23.38 20.05
CA ASP A 144 -18.05 -24.67 19.92
C ASP A 144 -18.41 -25.46 18.65
N SER A 145 -19.57 -26.11 18.64
CA SER A 145 -19.92 -27.06 17.60
C SER A 145 -20.54 -26.40 16.37
N LEU A 146 -20.37 -27.05 15.23
CA LEU A 146 -20.90 -26.55 13.96
C LEU A 146 -22.41 -26.71 13.86
N GLU A 147 -22.99 -27.68 14.56
CA GLU A 147 -24.44 -27.81 14.58
C GLU A 147 -25.11 -26.73 15.46
N ASN A 148 -24.46 -26.34 16.56
CA ASN A 148 -24.89 -25.16 17.31
C ASN A 148 -24.74 -23.89 16.48
N LEU A 149 -23.68 -23.81 15.67
CA LEU A 149 -23.48 -22.67 14.79
C LEU A 149 -24.66 -22.52 13.83
N ALA A 150 -24.93 -23.56 13.05
CA ALA A 150 -26.00 -23.52 12.06
C ALA A 150 -27.39 -23.30 12.69
N ASP A 151 -27.68 -24.07 13.73
CA ASP A 151 -28.95 -23.92 14.45
C ASP A 151 -29.13 -22.51 14.97
N GLY A 152 -28.06 -21.94 15.54
CA GLY A 152 -28.08 -20.58 16.05
C GLY A 152 -28.41 -19.55 14.98
N TYR A 153 -27.72 -19.65 13.84
CA TYR A 153 -27.95 -18.71 12.73
C TYR A 153 -29.38 -18.83 12.18
N LYS A 154 -29.87 -20.06 12.06
CA LYS A 154 -31.26 -20.32 11.64
C LYS A 154 -32.27 -19.78 12.64
N HIS A 155 -32.04 -20.06 13.92
CA HIS A 155 -32.93 -19.64 15.00
C HIS A 155 -33.06 -18.12 15.02
N MET A 156 -31.94 -17.41 14.99
CA MET A 156 -31.97 -15.96 15.00
C MET A 156 -32.69 -15.39 13.79
N SER A 157 -32.47 -16.00 12.62
CA SER A 157 -33.17 -15.59 11.42
C SER A 157 -34.69 -15.69 11.59
N LEU A 158 -35.15 -16.82 12.12
CA LEU A 158 -36.56 -17.05 12.39
C LEU A 158 -37.09 -16.09 13.48
N ALA A 159 -36.29 -15.86 14.52
CA ALA A 159 -36.67 -14.94 15.60
C ALA A 159 -36.82 -13.50 15.12
N LEU A 160 -35.90 -13.03 14.29
CA LEU A 160 -36.02 -11.70 13.69
C LEU A 160 -37.30 -11.59 12.87
N ASN A 161 -37.56 -12.63 12.09
CA ASN A 161 -38.77 -12.68 11.29
C ASN A 161 -40.04 -12.57 12.14
N ARG A 162 -40.09 -13.32 13.25
CA ARG A 162 -41.26 -13.30 14.15
C ARG A 162 -41.57 -11.95 14.82
N THR A 163 -40.59 -11.06 14.89
CA THR A 163 -40.84 -9.72 15.43
C THR A 163 -41.73 -8.90 14.50
N GLY A 164 -41.79 -9.26 13.23
CA GLY A 164 -42.55 -8.49 12.24
C GLY A 164 -41.82 -7.25 11.75
N ARG A 165 -40.65 -6.93 12.32
CA ARG A 165 -39.87 -5.78 11.85
C ARG A 165 -38.94 -6.22 10.73
N SER A 166 -38.84 -5.36 9.70
CA SER A 166 -37.94 -5.57 8.58
C SER A 166 -36.51 -5.30 9.03
N ILE A 167 -35.72 -6.37 9.16
CA ILE A 167 -34.33 -6.30 9.63
C ILE A 167 -33.42 -7.07 8.68
N VAL A 168 -32.43 -6.37 8.12
CA VAL A 168 -31.43 -6.98 7.27
C VAL A 168 -30.58 -7.90 8.14
N TYR A 169 -30.40 -9.14 7.70
CA TYR A 169 -29.67 -10.11 8.48
C TYR A 169 -28.35 -10.46 7.79
N SER A 170 -27.26 -10.00 8.39
CA SER A 170 -25.90 -10.19 7.87
C SER A 170 -25.24 -11.23 8.75
N CYS A 171 -24.78 -12.31 8.12
N CYS A 171 -24.74 -12.31 8.15
CA CYS A 171 -24.27 -13.50 8.81
CA CYS A 171 -24.22 -13.41 8.94
C CYS A 171 -22.76 -13.65 8.62
C CYS A 171 -22.78 -13.74 8.58
N GLU A 172 -22.12 -14.47 9.45
CA GLU A 172 -20.72 -14.86 9.24
C GLU A 172 -20.61 -16.37 9.23
N TRP A 173 -21.76 -17.01 9.03
CA TRP A 173 -21.90 -18.47 9.06
C TRP A 173 -20.84 -19.23 8.23
N PRO A 174 -20.72 -18.97 6.91
CA PRO A 174 -19.73 -19.74 6.14
C PRO A 174 -18.27 -19.55 6.58
N LEU A 175 -17.91 -18.34 6.98
CA LEU A 175 -16.57 -18.08 7.51
C LEU A 175 -16.21 -18.98 8.68
N TYR A 176 -17.12 -19.12 9.65
CA TYR A 176 -16.83 -19.94 10.83
C TYR A 176 -17.01 -21.43 10.57
N MET A 177 -17.61 -21.74 9.42
CA MET A 177 -17.83 -23.12 8.99
C MET A 177 -16.69 -23.66 8.11
N TRP A 178 -16.23 -22.85 7.16
CA TRP A 178 -15.17 -23.23 6.18
C TRP A 178 -13.96 -24.02 6.74
N PRO A 179 -13.38 -23.60 7.88
CA PRO A 179 -12.21 -24.31 8.40
C PRO A 179 -12.41 -25.81 8.61
N PHE A 180 -13.65 -26.23 8.87
CA PHE A 180 -13.97 -27.62 9.20
C PHE A 180 -14.81 -28.35 8.14
N GLN A 181 -15.62 -27.60 7.39
CA GLN A 181 -16.66 -28.21 6.56
C GLN A 181 -17.04 -27.27 5.41
N LYS A 182 -17.36 -27.83 4.25
CA LYS A 182 -17.86 -27.01 3.14
C LYS A 182 -19.24 -26.45 3.51
N PRO A 183 -19.42 -25.13 3.44
CA PRO A 183 -20.74 -24.60 3.75
C PRO A 183 -21.75 -24.91 2.66
N ASN A 184 -23.02 -24.99 3.04
CA ASN A 184 -24.10 -25.14 2.08
C ASN A 184 -24.76 -23.78 1.82
N TYR A 185 -24.47 -23.18 0.67
CA TYR A 185 -24.94 -21.81 0.38
C TYR A 185 -26.42 -21.72 0.04
N THR A 186 -27.02 -22.81 -0.43
CA THR A 186 -28.47 -22.87 -0.63
C THR A 186 -29.14 -22.67 0.72
N GLU A 187 -28.66 -23.41 1.72
CA GLU A 187 -29.17 -23.27 3.08
C GLU A 187 -28.89 -21.87 3.64
N ILE A 188 -27.66 -21.38 3.49
CA ILE A 188 -27.30 -20.06 4.02
C ILE A 188 -28.14 -18.93 3.39
N ARG A 189 -28.36 -19.02 2.09
CA ARG A 189 -29.15 -18.03 1.37
C ARG A 189 -30.61 -17.97 1.85
N GLN A 190 -31.15 -19.10 2.25
CA GLN A 190 -32.51 -19.21 2.78
C GLN A 190 -32.69 -18.38 4.06
N TYR A 191 -31.64 -18.29 4.88
CA TYR A 191 -31.71 -17.66 6.20
C TYR A 191 -31.02 -16.29 6.30
N CYS A 192 -30.18 -15.91 5.35
CA CYS A 192 -29.36 -14.67 5.46
C CYS A 192 -29.46 -13.73 4.25
N ASN A 193 -29.36 -12.43 4.50
CA ASN A 193 -29.33 -11.42 3.42
C ASN A 193 -27.91 -11.20 2.85
N HIS A 194 -26.90 -11.33 3.71
CA HIS A 194 -25.53 -11.47 3.25
C HIS A 194 -24.70 -12.28 4.22
N TRP A 195 -23.59 -12.79 3.70
CA TRP A 195 -22.74 -13.70 4.46
C TRP A 195 -21.25 -13.45 4.19
N ARG A 196 -20.50 -13.30 5.27
CA ARG A 196 -19.06 -13.15 5.21
C ARG A 196 -18.44 -14.52 4.92
N ASN A 197 -17.60 -14.59 3.90
CA ASN A 197 -16.93 -15.84 3.51
C ASN A 197 -15.50 -15.98 4.01
N PHE A 198 -14.81 -14.85 4.19
CA PHE A 198 -13.35 -14.84 4.35
C PHE A 198 -12.88 -14.00 5.55
N ALA A 199 -11.63 -14.22 5.96
CA ALA A 199 -11.06 -13.52 7.12
C ALA A 199 -11.22 -12.00 7.04
N ASP A 200 -11.19 -11.38 8.22
CA ASP A 200 -11.41 -9.93 8.35
C ASP A 200 -10.47 -9.14 7.45
N ILE A 201 -11.00 -8.13 6.77
CA ILE A 201 -10.17 -7.25 6.01
C ILE A 201 -9.36 -6.36 6.96
N ASP A 202 -8.21 -5.88 6.50
CA ASP A 202 -7.56 -4.78 7.22
C ASP A 202 -7.13 -3.69 6.23
N ASP A 203 -6.48 -2.65 6.73
CA ASP A 203 -6.09 -1.49 5.93
C ASP A 203 -4.77 -1.81 5.19
N SER A 204 -4.85 -2.71 4.23
CA SER A 204 -3.67 -3.13 3.50
C SER A 204 -4.03 -3.73 2.14
N TRP A 205 -3.08 -3.61 1.23
CA TRP A 205 -3.17 -4.16 -0.10
C TRP A 205 -3.10 -5.68 -0.03
N LYS A 206 -2.25 -6.18 0.86
CA LYS A 206 -2.15 -7.62 1.10
C LYS A 206 -3.51 -8.21 1.38
N SER A 207 -4.29 -7.52 2.22
CA SER A 207 -5.60 -7.99 2.58
C SER A 207 -6.56 -7.99 1.40
N ILE A 208 -6.61 -6.89 0.63
CA ILE A 208 -7.44 -6.79 -0.58
C ILE A 208 -7.14 -7.91 -1.54
N LYS A 209 -5.86 -8.19 -1.78
CA LYS A 209 -5.41 -9.22 -2.68
C LYS A 209 -5.83 -10.62 -2.24
N SER A 210 -5.75 -10.90 -0.94
CA SER A 210 -6.13 -12.24 -0.47
C SER A 210 -7.64 -12.45 -0.57
N ILE A 211 -8.43 -11.38 -0.40
CA ILE A 211 -9.87 -11.48 -0.55
C ILE A 211 -10.21 -11.74 -2.02
N LEU A 212 -9.59 -10.98 -2.93
CA LEU A 212 -9.80 -11.21 -4.35
C LEU A 212 -9.36 -12.62 -4.76
N ASP A 213 -8.18 -13.03 -4.32
CA ASP A 213 -7.66 -14.36 -4.69
C ASP A 213 -8.51 -15.50 -4.14
N TRP A 214 -8.98 -15.36 -2.90
CA TRP A 214 -9.83 -16.42 -2.33
C TRP A 214 -11.15 -16.48 -3.08
N THR A 215 -11.70 -15.33 -3.44
CA THR A 215 -12.92 -15.29 -4.18
C THR A 215 -12.86 -15.84 -5.58
N SER A 216 -11.82 -15.51 -6.35
CA SER A 216 -11.71 -16.05 -7.68
C SER A 216 -11.38 -17.54 -7.55
N PHE A 217 -10.56 -17.87 -6.60
CA PHE A 217 -10.27 -19.34 -6.45
C PHE A 217 -11.59 -20.11 -6.27
N ASN A 218 -12.41 -19.67 -5.34
CA ASN A 218 -13.68 -20.33 -5.00
C ASN A 218 -14.92 -19.88 -5.78
N GLN A 219 -14.75 -19.22 -6.92
CA GLN A 219 -15.89 -18.60 -7.59
C GLN A 219 -16.94 -19.61 -8.11
N GLU A 220 -16.53 -20.83 -8.45
CA GLU A 220 -17.54 -21.81 -8.86
C GLU A 220 -18.54 -22.06 -7.73
N ARG A 221 -18.07 -22.10 -6.48
CA ARG A 221 -18.94 -22.39 -5.34
C ARG A 221 -19.86 -21.23 -4.95
N ILE A 222 -19.45 -19.98 -5.17
CA ILE A 222 -20.18 -18.88 -4.54
C ILE A 222 -20.85 -17.85 -5.47
N VAL A 223 -20.39 -17.71 -6.71
CA VAL A 223 -20.89 -16.62 -7.55
C VAL A 223 -22.38 -16.79 -7.89
N ASP A 224 -22.79 -18.01 -8.22
CA ASP A 224 -24.18 -18.24 -8.67
C ASP A 224 -25.21 -18.21 -7.54
N VAL A 225 -24.77 -18.45 -6.31
CA VAL A 225 -25.66 -18.35 -5.16
C VAL A 225 -26.17 -16.93 -4.92
N ALA A 226 -25.36 -15.93 -5.26
CA ALA A 226 -25.69 -14.54 -4.99
C ALA A 226 -26.79 -14.05 -5.92
N GLY A 227 -27.54 -13.05 -5.45
CA GLY A 227 -28.65 -12.46 -6.21
C GLY A 227 -29.50 -11.62 -5.27
N PRO A 228 -30.53 -10.93 -5.81
CA PRO A 228 -31.39 -10.08 -4.99
C PRO A 228 -31.82 -10.78 -3.70
N GLY A 229 -31.60 -10.12 -2.56
CA GLY A 229 -31.93 -10.67 -1.25
C GLY A 229 -30.84 -11.47 -0.57
N GLY A 230 -29.78 -11.82 -1.30
CA GLY A 230 -28.73 -12.70 -0.76
C GLY A 230 -27.38 -12.49 -1.42
N TRP A 231 -26.43 -11.89 -0.70
CA TRP A 231 -25.13 -11.49 -1.27
C TRP A 231 -23.92 -12.10 -0.57
N ASN A 232 -22.85 -12.36 -1.33
CA ASN A 232 -21.55 -12.62 -0.74
C ASN A 232 -20.96 -11.33 -0.17
N ASP A 233 -20.42 -11.42 1.04
CA ASP A 233 -19.83 -10.27 1.72
C ASP A 233 -18.30 -10.45 1.82
N PRO A 234 -17.54 -9.72 0.99
CA PRO A 234 -16.08 -9.77 1.05
C PRO A 234 -15.48 -8.77 2.09
N ASP A 235 -16.34 -8.18 2.92
CA ASP A 235 -15.97 -7.29 4.03
C ASP A 235 -15.90 -5.81 3.61
N MET A 236 -15.55 -4.94 4.56
CA MET A 236 -15.67 -3.49 4.42
C MET A 236 -14.82 -2.85 3.33
N LEU A 237 -15.30 -1.74 2.79
CA LEU A 237 -14.46 -0.83 2.04
C LEU A 237 -13.58 -0.10 3.04
N VAL A 238 -12.28 -0.04 2.76
CA VAL A 238 -11.33 0.62 3.66
C VAL A 238 -10.71 1.82 2.96
N ILE A 239 -11.37 2.28 1.90
CA ILE A 239 -10.97 3.48 1.16
C ILE A 239 -11.06 4.69 2.08
N GLY A 240 -10.10 5.61 1.97
CA GLY A 240 -10.10 6.84 2.75
C GLY A 240 -9.36 6.75 4.08
N ASN A 241 -8.74 5.60 4.36
CA ASN A 241 -7.95 5.42 5.57
C ASN A 241 -6.43 5.63 5.28
N PHE A 242 -5.57 4.66 5.62
CA PHE A 242 -4.15 4.93 5.74
C PHE A 242 -3.23 4.01 4.93
N GLY A 243 -3.68 2.80 4.62
CA GLY A 243 -2.79 1.75 4.15
C GLY A 243 -2.76 1.48 2.67
N LEU A 244 -3.65 2.12 1.91
CA LEU A 244 -3.79 1.87 0.48
C LEU A 244 -3.36 3.06 -0.37
N SER A 245 -2.61 2.81 -1.44
CA SER A 245 -2.30 3.85 -2.41
C SER A 245 -3.58 4.28 -3.12
N TRP A 246 -3.53 5.36 -3.87
CA TRP A 246 -4.68 5.74 -4.67
C TRP A 246 -5.15 4.59 -5.59
N ASN A 247 -4.23 3.93 -6.27
CA ASN A 247 -4.58 2.90 -7.24
C ASN A 247 -5.18 1.65 -6.60
N GLN A 248 -4.71 1.32 -5.40
CA GLN A 248 -5.24 0.20 -4.66
C GLN A 248 -6.66 0.51 -4.16
N GLN A 249 -6.94 1.78 -3.86
CA GLN A 249 -8.28 2.19 -3.50
C GLN A 249 -9.24 2.05 -4.68
N VAL A 250 -8.83 2.53 -5.86
CA VAL A 250 -9.61 2.34 -7.10
C VAL A 250 -9.85 0.84 -7.33
N THR A 251 -8.83 0.03 -7.17
CA THR A 251 -9.03 -1.41 -7.31
C THR A 251 -10.14 -1.92 -6.40
N GLN A 252 -10.14 -1.54 -5.11
CA GLN A 252 -11.18 -2.03 -4.21
C GLN A 252 -12.57 -1.59 -4.66
N MET A 253 -12.70 -0.33 -5.04
CA MET A 253 -14.01 0.17 -5.39
C MET A 253 -14.57 -0.53 -6.62
N ALA A 254 -13.71 -0.73 -7.62
CA ALA A 254 -14.12 -1.36 -8.88
C ALA A 254 -14.47 -2.80 -8.65
N LEU A 255 -13.68 -3.48 -7.85
CA LEU A 255 -13.92 -4.92 -7.69
C LEU A 255 -15.14 -5.23 -6.80
N TRP A 256 -15.29 -4.52 -5.69
CA TRP A 256 -16.48 -4.61 -4.87
C TRP A 256 -17.76 -4.34 -5.69
N ALA A 257 -17.66 -3.48 -6.72
CA ALA A 257 -18.77 -3.28 -7.67
C ALA A 257 -19.01 -4.55 -8.51
N ILE A 258 -17.93 -5.09 -9.08
CA ILE A 258 -17.99 -6.30 -9.92
C ILE A 258 -18.55 -7.48 -9.13
N MET A 259 -18.22 -7.53 -7.85
CA MET A 259 -18.59 -8.67 -7.01
C MET A 259 -20.00 -8.55 -6.39
N ALA A 260 -20.74 -7.50 -6.71
CA ALA A 260 -22.07 -7.33 -6.14
C ALA A 260 -21.99 -7.38 -4.62
N ALA A 261 -21.01 -6.68 -4.07
CA ALA A 261 -20.74 -6.75 -2.65
C ALA A 261 -21.55 -5.69 -1.93
N PRO A 262 -22.01 -6.01 -0.71
CA PRO A 262 -22.47 -4.90 0.13
C PRO A 262 -21.33 -3.93 0.29
N LEU A 263 -21.67 -2.64 0.28
CA LEU A 263 -20.69 -1.58 0.36
C LEU A 263 -20.81 -0.90 1.72
N PHE A 264 -20.09 -1.44 2.70
CA PHE A 264 -20.00 -0.85 4.03
C PHE A 264 -18.66 -0.14 4.17
N MET A 265 -18.69 1.18 4.16
CA MET A 265 -17.50 1.97 4.41
C MET A 265 -17.10 1.79 5.86
N SER A 266 -15.80 1.73 6.12
CA SER A 266 -15.28 1.86 7.47
C SER A 266 -14.14 2.86 7.42
N ASN A 267 -14.46 4.09 7.76
CA ASN A 267 -13.53 5.19 7.66
C ASN A 267 -14.00 6.27 8.64
N ASP A 268 -13.32 7.41 8.65
CA ASP A 268 -13.74 8.54 9.47
C ASP A 268 -14.31 9.63 8.57
N LEU A 269 -15.63 9.74 8.55
CA LEU A 269 -16.31 10.70 7.68
C LEU A 269 -16.00 12.15 8.01
N ARG A 270 -15.48 12.39 9.22
CA ARG A 270 -15.06 13.73 9.63
C ARG A 270 -13.73 14.13 9.01
N HIS A 271 -12.88 13.14 8.69
CA HIS A 271 -11.55 13.39 8.11
C HIS A 271 -11.31 12.45 6.93
N ILE A 272 -11.91 12.79 5.79
CA ILE A 272 -11.77 12.00 4.58
C ILE A 272 -11.37 12.93 3.43
N SER A 273 -10.40 12.49 2.63
CA SER A 273 -9.92 13.30 1.51
C SER A 273 -11.01 13.50 0.46
N PRO A 274 -10.99 14.65 -0.24
CA PRO A 274 -11.95 14.86 -1.34
C PRO A 274 -11.88 13.77 -2.41
N GLN A 275 -10.66 13.30 -2.71
CA GLN A 275 -10.45 12.19 -3.65
C GLN A 275 -11.17 10.91 -3.23
N ALA A 276 -11.00 10.53 -1.96
CA ALA A 276 -11.62 9.32 -1.44
C ALA A 276 -13.14 9.46 -1.45
N LYS A 277 -13.64 10.65 -1.11
CA LYS A 277 -15.07 10.92 -1.14
C LYS A 277 -15.66 10.79 -2.55
N ALA A 278 -14.98 11.34 -3.55
CA ALA A 278 -15.47 11.27 -4.92
C ALA A 278 -15.51 9.82 -5.41
N LEU A 279 -14.49 9.04 -5.07
CA LEU A 279 -14.44 7.65 -5.48
C LEU A 279 -15.59 6.85 -4.85
N LEU A 280 -15.77 7.01 -3.54
CA LEU A 280 -16.78 6.23 -2.81
C LEU A 280 -18.19 6.65 -3.21
N GLN A 281 -18.35 7.91 -3.63
CA GLN A 281 -19.64 8.43 -4.06
C GLN A 281 -19.82 8.39 -5.57
N ASP A 282 -18.91 7.71 -6.29
CA ASP A 282 -18.97 7.67 -7.75
C ASP A 282 -20.24 7.01 -8.24
N LYS A 283 -21.12 7.79 -8.87
CA LYS A 283 -22.48 7.32 -9.14
C LYS A 283 -22.52 6.20 -10.18
N ASP A 284 -21.68 6.30 -11.21
CA ASP A 284 -21.64 5.25 -12.24
C ASP A 284 -21.09 3.93 -11.70
N VAL A 285 -20.15 4.00 -10.76
CA VAL A 285 -19.60 2.78 -10.18
C VAL A 285 -20.61 2.19 -9.21
N ILE A 286 -21.22 3.03 -8.39
CA ILE A 286 -22.27 2.61 -7.49
C ILE A 286 -23.44 1.98 -8.26
N ALA A 287 -23.78 2.58 -9.40
CA ALA A 287 -24.85 2.05 -10.26
C ALA A 287 -24.54 0.64 -10.78
N ILE A 288 -23.26 0.34 -11.00
CA ILE A 288 -22.85 -1.03 -11.31
C ILE A 288 -23.05 -1.97 -10.12
N ASN A 289 -22.58 -1.58 -8.94
CA ASN A 289 -22.75 -2.41 -7.74
C ASN A 289 -24.23 -2.70 -7.47
N GLN A 290 -25.04 -1.67 -7.61
CA GLN A 290 -26.48 -1.68 -7.36
C GLN A 290 -27.34 -2.09 -8.56
N ASP A 291 -26.75 -2.70 -9.59
CA ASP A 291 -27.51 -3.08 -10.78
C ASP A 291 -28.67 -4.02 -10.39
N PRO A 292 -29.89 -3.74 -10.89
CA PRO A 292 -31.10 -4.47 -10.49
C PRO A 292 -31.06 -5.98 -10.73
N LEU A 293 -30.40 -6.41 -11.80
CA LEU A 293 -30.30 -7.82 -12.15
C LEU A 293 -29.60 -8.62 -11.04
N GLY A 294 -28.65 -7.98 -10.38
CA GLY A 294 -27.98 -8.57 -9.24
C GLY A 294 -27.27 -9.86 -9.51
N LYS A 295 -26.60 -9.98 -10.66
CA LYS A 295 -25.78 -11.14 -10.95
C LYS A 295 -24.33 -10.84 -10.57
N GLN A 296 -23.76 -11.61 -9.65
CA GLN A 296 -22.40 -11.35 -9.23
C GLN A 296 -21.45 -11.56 -10.42
N GLY A 297 -20.35 -10.83 -10.43
CA GLY A 297 -19.34 -10.96 -11.46
C GLY A 297 -18.33 -12.01 -11.10
N TYR A 298 -17.30 -12.16 -11.92
CA TYR A 298 -16.38 -13.29 -11.76
C TYR A 298 -15.08 -12.99 -12.50
N GLN A 299 -14.04 -13.73 -12.19
CA GLN A 299 -12.78 -13.55 -12.89
C GLN A 299 -12.87 -14.37 -14.17
N LEU A 300 -12.72 -13.69 -15.30
CA LEU A 300 -12.73 -14.30 -16.63
C LEU A 300 -11.38 -14.88 -16.99
N ARG A 301 -10.32 -14.15 -16.67
CA ARG A 301 -8.98 -14.46 -17.15
C ARG A 301 -7.93 -14.02 -16.14
N GLN A 302 -6.86 -14.80 -16.05
CA GLN A 302 -5.66 -14.38 -15.32
C GLN A 302 -4.39 -14.93 -16.00
N GLY A 303 -3.39 -14.06 -16.13
CA GLY A 303 -2.10 -14.42 -16.72
C GLY A 303 -1.23 -13.19 -16.88
N ASP A 304 0.08 -13.38 -16.80
CA ASP A 304 1.06 -12.30 -16.98
C ASP A 304 0.85 -11.17 -15.95
N ASN A 305 0.55 -11.57 -14.71
CA ASN A 305 0.17 -10.63 -13.66
C ASN A 305 -0.95 -9.66 -14.06
N PHE A 306 -1.85 -10.09 -14.92
CA PHE A 306 -3.07 -9.33 -15.23
C PHE A 306 -4.25 -10.20 -14.81
N GLU A 307 -5.38 -9.56 -14.52
CA GLU A 307 -6.63 -10.27 -14.25
C GLU A 307 -7.73 -9.51 -14.94
N VAL A 308 -8.65 -10.23 -15.57
CA VAL A 308 -9.84 -9.60 -16.15
C VAL A 308 -11.05 -10.21 -15.45
N TRP A 309 -11.89 -9.33 -14.93
CA TRP A 309 -13.13 -9.71 -14.28
C TRP A 309 -14.26 -9.08 -15.06
N GLU A 310 -15.43 -9.72 -15.06
CA GLU A 310 -16.58 -9.12 -15.73
C GLU A 310 -17.90 -9.34 -14.98
N ARG A 311 -18.85 -8.44 -15.19
CA ARG A 311 -20.16 -8.58 -14.59
C ARG A 311 -21.28 -8.30 -15.56
N PRO A 312 -22.26 -9.24 -15.68
CA PRO A 312 -23.43 -8.97 -16.48
C PRO A 312 -24.40 -7.99 -15.80
N LEU A 313 -24.84 -6.99 -16.55
CA LEU A 313 -25.70 -5.94 -16.02
C LEU A 313 -27.06 -6.05 -16.71
N SER A 314 -28.04 -5.31 -16.21
CA SER A 314 -29.34 -5.21 -16.85
C SER A 314 -29.20 -4.45 -18.16
N GLY A 315 -30.16 -4.64 -19.06
CA GLY A 315 -30.15 -3.98 -20.36
C GLY A 315 -29.10 -4.53 -21.31
N LEU A 316 -28.70 -5.78 -21.10
CA LEU A 316 -27.62 -6.42 -21.85
C LEU A 316 -26.26 -5.70 -21.77
N ALA A 317 -26.08 -4.85 -20.77
CA ALA A 317 -24.80 -4.16 -20.56
C ALA A 317 -23.85 -5.07 -19.80
N TRP A 318 -22.57 -4.73 -19.80
CA TRP A 318 -21.56 -5.47 -19.04
C TRP A 318 -20.58 -4.52 -18.39
N ALA A 319 -20.10 -4.87 -17.22
CA ALA A 319 -19.01 -4.15 -16.59
C ALA A 319 -17.77 -5.03 -16.66
N VAL A 320 -16.64 -4.43 -17.02
CA VAL A 320 -15.36 -5.13 -17.15
C VAL A 320 -14.26 -4.38 -16.39
N ALA A 321 -13.56 -5.11 -15.57
CA ALA A 321 -12.44 -4.62 -14.78
C ALA A 321 -11.16 -5.39 -15.15
N MET A 322 -10.09 -4.63 -15.36
CA MET A 322 -8.79 -5.19 -15.70
C MET A 322 -7.79 -4.70 -14.67
N ILE A 323 -7.23 -5.64 -13.93
CA ILE A 323 -6.33 -5.34 -12.83
C ILE A 323 -4.88 -5.70 -13.16
N ASN A 324 -3.96 -4.77 -12.86
CA ASN A 324 -2.54 -5.01 -13.04
C ASN A 324 -1.91 -5.39 -11.71
N ARG A 325 -1.58 -6.67 -11.55
CA ARG A 325 -1.04 -7.12 -10.31
C ARG A 325 0.48 -7.08 -10.28
N GLN A 326 1.11 -6.45 -11.28
CA GLN A 326 2.59 -6.35 -11.25
C GLN A 326 2.98 -5.11 -10.46
N GLU A 327 3.65 -5.31 -9.33
CA GLU A 327 3.89 -4.23 -8.36
C GLU A 327 5.30 -3.62 -8.51
N ILE A 328 5.72 -3.48 -9.76
CA ILE A 328 7.00 -2.87 -10.12
C ILE A 328 6.77 -2.20 -11.48
N GLY A 329 7.56 -1.18 -11.79
CA GLY A 329 7.54 -0.61 -13.12
C GLY A 329 6.45 0.40 -13.21
N GLY A 330 5.99 0.65 -14.43
CA GLY A 330 5.00 1.70 -14.70
C GLY A 330 3.72 1.12 -15.26
N PRO A 331 2.83 1.97 -15.75
CA PRO A 331 1.60 1.51 -16.38
C PRO A 331 1.91 0.51 -17.48
N ARG A 332 1.24 -0.64 -17.43
CA ARG A 332 1.45 -1.69 -18.41
C ARG A 332 0.29 -1.75 -19.39
N SER A 333 0.63 -2.06 -20.63
CA SER A 333 -0.34 -2.16 -21.70
C SER A 333 -1.03 -3.52 -21.64
N TYR A 334 -2.34 -3.52 -21.83
CA TYR A 334 -3.09 -4.77 -21.90
C TYR A 334 -4.11 -4.68 -23.02
N THR A 335 -4.16 -5.72 -23.84
CA THR A 335 -5.05 -5.79 -24.99
C THR A 335 -5.92 -7.01 -24.88
N ILE A 336 -7.21 -6.84 -25.14
CA ILE A 336 -8.13 -7.96 -25.15
C ILE A 336 -9.13 -7.84 -26.30
N ALA A 337 -9.49 -8.97 -26.88
CA ALA A 337 -10.50 -9.03 -27.93
C ALA A 337 -11.86 -8.86 -27.28
N VAL A 338 -12.60 -7.84 -27.68
CA VAL A 338 -13.95 -7.63 -27.14
C VAL A 338 -14.84 -8.85 -27.34
N ALA A 339 -14.56 -9.68 -28.34
CA ALA A 339 -15.28 -10.94 -28.55
C ALA A 339 -15.13 -11.96 -27.40
N SER A 340 -14.11 -11.79 -26.57
CA SER A 340 -13.94 -12.64 -25.38
C SER A 340 -14.85 -12.21 -24.22
N LEU A 341 -15.38 -10.99 -24.31
CA LEU A 341 -16.20 -10.40 -23.25
C LEU A 341 -17.67 -10.79 -23.35
N GLY A 342 -18.30 -10.95 -22.19
CA GLY A 342 -19.73 -11.26 -22.10
C GLY A 342 -20.12 -12.51 -22.87
N LYS A 343 -19.28 -13.54 -22.77
CA LYS A 343 -19.46 -14.81 -23.46
C LYS A 343 -19.67 -14.66 -24.98
N GLY A 344 -19.05 -13.64 -25.56
CA GLY A 344 -19.17 -13.40 -26.99
C GLY A 344 -20.37 -12.61 -27.44
N VAL A 345 -21.28 -12.27 -26.52
CA VAL A 345 -22.51 -11.56 -26.89
C VAL A 345 -22.49 -10.08 -26.49
N ALA A 346 -21.50 -9.66 -25.71
CA ALA A 346 -21.45 -8.28 -25.20
C ALA A 346 -21.26 -7.24 -26.31
N CYS A 347 -20.44 -7.56 -27.30
CA CYS A 347 -20.16 -6.61 -28.37
C CYS A 347 -20.50 -7.17 -29.74
N ASN A 348 -21.60 -7.92 -29.82
CA ASN A 348 -22.09 -8.44 -31.09
C ASN A 348 -23.40 -7.73 -31.47
N PRO A 349 -23.43 -7.03 -32.62
CA PRO A 349 -22.34 -6.79 -33.59
C PRO A 349 -21.35 -5.71 -33.13
N ALA A 350 -21.78 -4.84 -32.23
CA ALA A 350 -20.93 -3.78 -31.69
C ALA A 350 -21.38 -3.39 -30.28
N CYS A 351 -20.52 -2.66 -29.58
CA CYS A 351 -20.83 -2.13 -28.27
C CYS A 351 -20.18 -0.76 -28.12
N PHE A 352 -20.77 0.11 -27.30
CA PHE A 352 -20.16 1.36 -26.91
C PHE A 352 -19.45 1.14 -25.59
N ILE A 353 -18.20 1.56 -25.49
CA ILE A 353 -17.40 1.34 -24.30
C ILE A 353 -17.09 2.66 -23.61
N THR A 354 -17.37 2.71 -22.31
CA THR A 354 -17.05 3.88 -21.48
C THR A 354 -16.15 3.44 -20.34
N GLN A 355 -15.01 4.12 -20.18
CA GLN A 355 -14.16 3.90 -19.03
C GLN A 355 -14.75 4.63 -17.85
N LEU A 356 -14.81 3.97 -16.69
CA LEU A 356 -15.34 4.58 -15.47
C LEU A 356 -14.24 4.94 -14.50
N LEU A 357 -13.28 4.03 -14.35
CA LEU A 357 -12.14 4.23 -13.47
C LEU A 357 -10.88 3.89 -14.25
N PRO A 358 -9.76 4.58 -13.95
CA PRO A 358 -9.60 5.53 -12.84
C PRO A 358 -10.16 6.89 -13.12
N VAL A 359 -10.45 7.20 -14.38
CA VAL A 359 -11.12 8.46 -14.75
C VAL A 359 -12.21 8.15 -15.75
N LYS A 360 -13.28 8.95 -15.76
CA LYS A 360 -14.39 8.72 -16.67
C LYS A 360 -14.06 9.26 -18.06
N ARG A 361 -14.23 8.43 -19.07
CA ARG A 361 -14.11 8.90 -20.46
C ARG A 361 -14.75 7.91 -21.43
N LYS A 362 -15.40 8.44 -22.45
CA LYS A 362 -16.02 7.64 -23.48
C LYS A 362 -14.97 7.17 -24.48
N LEU A 363 -14.99 5.89 -24.82
CA LEU A 363 -14.02 5.32 -25.74
C LEU A 363 -14.59 5.00 -27.14
N GLY A 364 -15.87 5.28 -27.34
CA GLY A 364 -16.51 5.06 -28.64
C GLY A 364 -16.97 3.64 -28.88
N PHE A 365 -17.37 3.36 -30.12
CA PHE A 365 -17.95 2.08 -30.50
C PHE A 365 -16.88 1.07 -30.94
N TYR A 366 -17.11 -0.20 -30.62
CA TYR A 366 -16.17 -1.28 -30.88
C TYR A 366 -16.89 -2.43 -31.54
N GLU A 367 -16.44 -2.85 -32.72
CA GLU A 367 -17.07 -3.96 -33.43
C GLU A 367 -16.65 -5.29 -32.81
N TRP A 368 -17.37 -6.36 -33.13
CA TRP A 368 -17.19 -7.66 -32.48
C TRP A 368 -15.77 -8.20 -32.59
N THR A 369 -15.11 -7.89 -33.70
CA THR A 369 -13.77 -8.40 -33.99
C THR A 369 -12.66 -7.48 -33.46
N SER A 370 -13.02 -6.33 -32.90
CA SER A 370 -12.06 -5.33 -32.40
C SER A 370 -11.25 -5.81 -31.19
N ARG A 371 -10.17 -5.09 -30.92
CA ARG A 371 -9.30 -5.34 -29.78
C ARG A 371 -9.21 -4.08 -28.96
N LEU A 372 -9.38 -4.23 -27.65
CA LEU A 372 -9.37 -3.11 -26.72
C LEU A 372 -8.00 -2.99 -26.08
N ARG A 373 -7.37 -1.83 -26.22
CA ARG A 373 -6.07 -1.56 -25.63
C ARG A 373 -6.19 -0.61 -24.46
N SER A 374 -5.59 -0.99 -23.34
CA SER A 374 -5.63 -0.16 -22.14
C SER A 374 -4.24 -0.11 -21.49
N HIS A 375 -4.01 0.93 -20.70
CA HIS A 375 -2.81 1.04 -19.86
C HIS A 375 -3.23 1.03 -18.40
N ILE A 376 -2.66 0.12 -17.61
CA ILE A 376 -3.11 -0.10 -16.25
C ILE A 376 -1.96 0.09 -15.26
N ASN A 377 -2.12 1.09 -14.38
CA ASN A 377 -1.13 1.37 -13.34
C ASN A 377 -0.90 0.12 -12.48
N PRO A 378 0.29 -0.03 -11.92
CA PRO A 378 0.55 -1.19 -11.01
C PRO A 378 -0.34 -1.13 -9.73
N THR A 379 -0.92 -2.26 -9.35
CA THR A 379 -1.93 -2.38 -8.29
C THR A 379 -3.25 -1.62 -8.61
N GLY A 380 -3.31 -1.00 -9.78
CA GLY A 380 -4.51 -0.32 -10.24
C GLY A 380 -5.44 -1.17 -11.09
N THR A 381 -6.55 -0.58 -11.48
CA THR A 381 -7.58 -1.29 -12.22
C THR A 381 -8.16 -0.31 -13.19
N VAL A 382 -8.50 -0.76 -14.39
CA VAL A 382 -9.36 0.01 -15.30
C VAL A 382 -10.73 -0.68 -15.26
N LEU A 383 -11.79 0.11 -15.13
CA LEU A 383 -13.14 -0.42 -15.09
C LEU A 383 -13.90 0.16 -16.25
N LEU A 384 -14.48 -0.73 -17.05
CA LEU A 384 -15.18 -0.34 -18.27
C LEU A 384 -16.64 -0.74 -18.18
N GLN A 385 -17.49 0.01 -18.85
CA GLN A 385 -18.88 -0.39 -19.06
C GLN A 385 -19.14 -0.55 -20.55
N LEU A 386 -19.71 -1.69 -20.93
CA LEU A 386 -20.04 -2.01 -22.32
C LEU A 386 -21.56 -1.92 -22.49
N GLU A 387 -22.01 -1.10 -23.44
CA GLU A 387 -23.45 -0.91 -23.66
C GLU A 387 -23.78 -1.05 -25.13
N ASN A 388 -25.07 -1.18 -25.41
CA ASN A 388 -25.57 -1.13 -26.78
C ASN A 388 -25.36 0.27 -27.38
N THR A 389 -25.72 1.31 -26.62
CA THR A 389 -25.59 2.69 -27.10
C THR A 389 -25.07 3.64 -26.02
N MET A 390 -24.64 4.83 -26.44
CA MET A 390 -24.13 5.87 -25.55
C MET A 390 -25.27 6.53 -24.76
N LEU B 1 35.33 3.14 0.64
CA LEU B 1 36.41 3.32 -0.39
C LEU B 1 37.00 4.72 -0.25
N ASP B 2 38.33 4.78 -0.13
CA ASP B 2 38.99 6.06 0.17
C ASP B 2 39.38 6.82 -1.10
N ASN B 3 38.37 7.25 -1.85
CA ASN B 3 38.59 7.97 -3.09
C ASN B 3 38.08 9.40 -3.00
N GLY B 4 37.80 9.86 -1.78
CA GLY B 4 37.28 11.21 -1.55
C GLY B 4 35.83 11.43 -1.94
N LEU B 5 35.13 10.39 -2.38
CA LEU B 5 33.74 10.54 -2.83
C LEU B 5 32.76 9.96 -1.81
N ALA B 6 31.50 10.33 -1.94
CA ALA B 6 30.45 9.80 -1.10
C ALA B 6 30.76 10.06 0.39
N ARG B 7 31.21 11.28 0.70
CA ARG B 7 31.50 11.67 2.08
C ARG B 7 30.19 11.81 2.85
N THR B 8 29.12 12.12 2.11
CA THR B 8 27.76 11.91 2.56
C THR B 8 27.10 10.93 1.57
N PRO B 9 26.00 10.26 1.97
CA PRO B 9 25.36 9.35 1.02
C PRO B 9 25.03 10.00 -0.32
N THR B 10 25.34 9.29 -1.41
CA THR B 10 25.10 9.78 -2.77
C THR B 10 23.60 9.99 -3.00
N MET B 11 23.24 11.09 -3.63
CA MET B 11 21.87 11.41 -3.96
C MET B 11 21.72 11.53 -5.47
N GLY B 12 20.64 10.98 -6.00
CA GLY B 12 20.41 10.98 -7.43
C GLY B 12 19.12 10.30 -7.85
N TRP B 13 19.04 10.02 -9.14
CA TRP B 13 17.89 9.40 -9.78
C TRP B 13 18.38 8.19 -10.58
N LEU B 14 17.63 7.09 -10.51
CA LEU B 14 17.99 5.82 -11.14
C LEU B 14 16.74 5.26 -11.83
N HIS B 15 16.87 4.84 -13.08
CA HIS B 15 15.68 4.54 -13.90
C HIS B 15 14.99 3.24 -13.53
N TRP B 16 15.68 2.36 -12.81
CA TRP B 16 15.28 0.96 -12.83
C TRP B 16 13.87 0.64 -12.34
N GLU B 17 13.54 1.00 -11.10
CA GLU B 17 12.29 0.54 -10.53
C GLU B 17 11.09 0.99 -11.35
N ARG B 18 11.10 2.24 -11.80
CA ARG B 18 9.97 2.82 -12.53
C ARG B 18 9.97 2.45 -14.02
N PHE B 19 11.12 2.40 -14.68
CA PHE B 19 11.17 2.18 -16.14
C PHE B 19 11.70 0.81 -16.58
N MET B 20 12.43 0.15 -15.70
CA MET B 20 12.90 -1.23 -15.89
C MET B 20 13.64 -1.47 -17.25
N CYS B 21 13.31 -2.54 -17.98
CA CYS B 21 14.02 -2.92 -19.19
C CYS B 21 13.12 -2.78 -20.39
N ASN B 22 12.56 -1.59 -20.55
CA ASN B 22 11.63 -1.31 -21.64
C ASN B 22 12.41 -0.95 -22.92
N LEU B 23 12.46 -1.90 -23.86
CA LEU B 23 13.18 -1.73 -25.13
C LEU B 23 12.27 -1.34 -26.32
N ASP B 24 10.98 -1.16 -26.09
CA ASP B 24 10.01 -0.95 -27.16
C ASP B 24 9.75 0.51 -27.45
N CYS B 25 10.63 1.13 -28.24
CA CYS B 25 10.47 2.56 -28.53
CA CYS B 25 10.54 2.54 -28.60
C CYS B 25 9.46 2.84 -29.65
N GLN B 26 8.95 1.80 -30.29
CA GLN B 26 7.88 1.99 -31.28
C GLN B 26 6.55 2.23 -30.58
N GLU B 27 6.17 1.31 -29.70
CA GLU B 27 4.91 1.42 -28.96
C GLU B 27 4.97 2.43 -27.81
N GLU B 28 6.11 2.52 -27.13
CA GLU B 28 6.21 3.33 -25.92
C GLU B 28 7.45 4.24 -25.96
N PRO B 29 7.47 5.18 -26.93
CA PRO B 29 8.63 6.02 -27.14
C PRO B 29 9.01 6.88 -25.92
N ASP B 30 8.01 7.29 -25.15
CA ASP B 30 8.25 8.21 -24.04
C ASP B 30 8.65 7.52 -22.73
N SER B 31 8.65 6.19 -22.71
CA SER B 31 9.08 5.47 -21.53
C SER B 31 10.10 4.34 -21.77
N CYS B 32 10.54 4.13 -23.01
CA CYS B 32 11.59 3.15 -23.30
C CYS B 32 12.95 3.68 -22.82
N ILE B 33 13.87 2.77 -22.53
CA ILE B 33 15.18 3.17 -22.04
C ILE B 33 16.00 3.73 -23.21
N SER B 34 16.09 5.05 -23.28
CA SER B 34 16.70 5.75 -24.41
C SER B 34 17.36 7.04 -23.95
N GLU B 35 18.17 7.62 -24.83
CA GLU B 35 18.85 8.86 -24.51
C GLU B 35 17.85 9.98 -24.25
N LYS B 36 16.71 9.97 -24.93
CA LYS B 36 15.70 11.01 -24.72
C LYS B 36 15.11 10.96 -23.29
N LEU B 37 14.93 9.76 -22.74
CA LEU B 37 14.42 9.65 -21.38
C LEU B 37 15.32 10.36 -20.39
N PHE B 38 16.62 10.08 -20.49
CA PHE B 38 17.62 10.64 -19.60
C PHE B 38 17.85 12.13 -19.79
N MET B 39 17.82 12.61 -21.03
CA MET B 39 17.93 14.03 -21.30
C MET B 39 16.77 14.81 -20.69
N GLU B 40 15.55 14.28 -20.82
CA GLU B 40 14.37 14.90 -20.23
C GLU B 40 14.44 14.93 -18.71
N MET B 41 14.85 13.81 -18.11
CA MET B 41 15.04 13.77 -16.66
C MET B 41 16.07 14.78 -16.20
N ALA B 42 17.19 14.88 -16.92
CA ALA B 42 18.27 15.79 -16.56
C ALA B 42 17.80 17.24 -16.54
N GLU B 43 16.98 17.60 -17.55
CA GLU B 43 16.38 18.94 -17.61
C GLU B 43 15.52 19.22 -16.39
N LEU B 44 14.68 18.26 -16.03
CA LEU B 44 13.76 18.39 -14.89
C LEU B 44 14.50 18.39 -13.55
N MET B 45 15.61 17.66 -13.46
CA MET B 45 16.40 17.67 -12.22
C MET B 45 16.86 19.09 -11.89
N VAL B 46 17.13 19.89 -12.92
CA VAL B 46 17.52 21.29 -12.75
C VAL B 46 16.30 22.19 -12.57
N SER B 47 15.34 22.11 -13.48
CA SER B 47 14.21 23.05 -13.47
C SER B 47 13.22 22.85 -12.32
N GLU B 48 13.13 21.63 -11.77
CA GLU B 48 12.15 21.35 -10.72
C GLU B 48 12.77 21.29 -9.32
N GLY B 49 14.01 21.77 -9.18
CA GLY B 49 14.61 21.94 -7.87
C GLY B 49 15.31 20.74 -7.27
N TRP B 50 15.42 19.64 -8.03
CA TRP B 50 16.04 18.42 -7.51
C TRP B 50 17.54 18.56 -7.24
N LYS B 51 18.25 19.15 -8.19
CA LYS B 51 19.68 19.44 -8.02
C LYS B 51 19.92 20.33 -6.81
N ASP B 52 19.12 21.39 -6.67
CA ASP B 52 19.20 22.29 -5.52
C ASP B 52 19.02 21.57 -4.18
N ALA B 53 18.11 20.59 -4.14
CA ALA B 53 17.87 19.80 -2.94
C ALA B 53 18.99 18.80 -2.65
N GLY B 54 19.80 18.50 -3.67
CA GLY B 54 21.01 17.67 -3.53
C GLY B 54 21.13 16.48 -4.47
N TYR B 55 20.09 16.24 -5.27
CA TYR B 55 20.07 15.10 -6.19
C TYR B 55 20.91 15.45 -7.40
N GLU B 56 22.12 14.90 -7.46
N GLU B 56 22.14 14.92 -7.45
CA GLU B 56 23.12 15.31 -8.46
CA GLU B 56 23.10 15.31 -8.49
C GLU B 56 23.53 14.21 -9.44
C GLU B 56 23.37 14.21 -9.53
N TYR B 57 23.24 12.95 -9.13
CA TYR B 57 23.56 11.85 -10.03
C TYR B 57 22.35 11.40 -10.85
N LEU B 58 22.46 11.48 -12.18
CA LEU B 58 21.49 10.91 -13.08
C LEU B 58 22.07 9.60 -13.58
N CYS B 59 21.43 8.50 -13.19
CA CYS B 59 22.03 7.17 -13.33
C CYS B 59 21.24 6.28 -14.28
N ILE B 60 21.98 5.62 -15.16
CA ILE B 60 21.45 4.66 -16.12
C ILE B 60 21.64 3.28 -15.52
N ASP B 61 20.55 2.51 -15.42
CA ASP B 61 20.63 1.16 -14.93
C ASP B 61 20.76 0.19 -16.13
N ASP B 62 20.40 -1.09 -15.94
CA ASP B 62 20.56 -2.14 -16.96
C ASP B 62 19.77 -1.80 -18.24
N CYS B 63 20.10 -2.49 -19.32
CA CYS B 63 19.43 -2.35 -20.63
C CYS B 63 19.74 -1.06 -21.41
N TRP B 64 20.94 -0.52 -21.21
CA TRP B 64 21.45 0.57 -22.05
C TRP B 64 22.32 0.03 -23.19
N MET B 65 22.80 -1.20 -23.05
CA MET B 65 23.84 -1.75 -23.93
C MET B 65 23.26 -2.36 -25.19
N ALA B 66 24.08 -2.41 -26.23
CA ALA B 66 23.79 -3.21 -27.42
C ALA B 66 24.06 -4.65 -27.04
N PRO B 67 23.52 -5.62 -27.80
CA PRO B 67 23.67 -7.02 -27.44
C PRO B 67 25.10 -7.57 -27.54
N GLN B 68 25.96 -6.91 -28.30
CA GLN B 68 27.34 -7.35 -28.53
C GLN B 68 28.34 -6.22 -28.25
N ARG B 69 29.56 -6.60 -27.92
CA ARG B 69 30.68 -5.66 -27.85
C ARG B 69 31.12 -5.30 -29.26
N ASP B 70 31.77 -4.15 -29.40
CA ASP B 70 32.28 -3.73 -30.70
C ASP B 70 33.57 -4.50 -31.03
N SER B 71 34.18 -4.18 -32.17
CA SER B 71 35.34 -4.94 -32.66
C SER B 71 36.58 -4.78 -31.79
N GLU B 72 36.62 -3.72 -30.99
CA GLU B 72 37.72 -3.49 -30.07
C GLU B 72 37.40 -4.00 -28.65
N GLY B 73 36.31 -4.77 -28.52
CA GLY B 73 35.98 -5.41 -27.25
C GLY B 73 35.32 -4.46 -26.26
N ARG B 74 34.74 -3.36 -26.74
CA ARG B 74 34.09 -2.40 -25.88
C ARG B 74 32.57 -2.60 -25.85
N LEU B 75 32.02 -2.39 -24.67
CA LEU B 75 30.60 -2.20 -24.49
C LEU B 75 30.18 -1.05 -25.37
N GLN B 76 28.99 -1.14 -25.96
CA GLN B 76 28.47 -0.04 -26.75
C GLN B 76 27.03 0.23 -26.37
N ALA B 77 26.63 1.49 -26.45
CA ALA B 77 25.26 1.89 -26.22
C ALA B 77 24.41 1.37 -27.36
N ASP B 78 23.14 1.08 -27.08
CA ASP B 78 22.28 0.58 -28.12
C ASP B 78 22.18 1.66 -29.22
N PRO B 79 22.43 1.27 -30.48
CA PRO B 79 22.50 2.27 -31.57
C PRO B 79 21.16 2.95 -31.86
N GLN B 80 20.04 2.25 -31.71
CA GLN B 80 18.73 2.85 -31.94
C GLN B 80 18.24 3.71 -30.76
N ARG B 81 18.51 3.26 -29.53
CA ARG B 81 18.00 3.96 -28.35
C ARG B 81 18.95 5.05 -27.85
N PHE B 82 20.26 4.87 -28.07
CA PHE B 82 21.24 5.91 -27.79
C PHE B 82 22.08 6.22 -29.05
N PRO B 83 21.45 6.78 -30.09
CA PRO B 83 22.16 6.99 -31.35
C PRO B 83 23.34 7.98 -31.27
N HIS B 84 23.32 8.90 -30.30
CA HIS B 84 24.39 9.88 -30.14
C HIS B 84 25.46 9.41 -29.14
N GLY B 85 25.28 8.22 -28.58
CA GLY B 85 26.29 7.62 -27.72
C GLY B 85 26.32 8.21 -26.32
N ILE B 86 27.03 7.53 -25.43
CA ILE B 86 27.06 7.89 -24.02
C ILE B 86 27.88 9.15 -23.76
N ARG B 87 28.97 9.33 -24.51
CA ARG B 87 29.83 10.50 -24.33
C ARG B 87 29.02 11.78 -24.47
N GLN B 88 28.18 11.84 -25.49
CA GLN B 88 27.36 13.03 -25.74
C GLN B 88 26.27 13.23 -24.67
N LEU B 89 25.72 12.12 -24.17
CA LEU B 89 24.79 12.18 -23.04
C LEU B 89 25.51 12.69 -21.79
N ALA B 90 26.70 12.13 -21.52
CA ALA B 90 27.50 12.58 -20.38
C ALA B 90 27.80 14.07 -20.48
N ASN B 91 28.17 14.55 -21.67
CA ASN B 91 28.45 15.97 -21.87
C ASN B 91 27.20 16.82 -21.63
N TYR B 92 26.04 16.33 -22.08
CA TYR B 92 24.79 17.05 -21.89
C TYR B 92 24.47 17.14 -20.41
N VAL B 93 24.63 16.03 -19.71
CA VAL B 93 24.39 15.96 -18.28
C VAL B 93 25.35 16.90 -17.52
N HIS B 94 26.64 16.82 -17.84
CA HIS B 94 27.63 17.71 -17.22
C HIS B 94 27.34 19.18 -17.48
N SER B 95 26.78 19.50 -18.65
CA SER B 95 26.47 20.89 -18.99
C SER B 95 25.34 21.46 -18.13
N LYS B 96 24.55 20.58 -17.52
CA LYS B 96 23.50 20.98 -16.59
C LYS B 96 23.99 21.06 -15.13
N GLY B 97 25.25 20.70 -14.89
CA GLY B 97 25.81 20.69 -13.53
C GLY B 97 25.57 19.38 -12.80
N LEU B 98 25.23 18.33 -13.55
CA LEU B 98 24.90 17.05 -12.97
C LEU B 98 26.01 16.05 -13.26
N LYS B 99 25.91 14.88 -12.65
CA LYS B 99 26.86 13.79 -12.87
C LYS B 99 26.13 12.56 -13.44
N LEU B 100 26.84 11.77 -14.25
CA LEU B 100 26.22 10.64 -14.93
C LEU B 100 26.64 9.32 -14.30
N GLY B 101 25.65 8.47 -14.01
CA GLY B 101 25.90 7.12 -13.53
C GLY B 101 25.56 6.13 -14.63
N ILE B 102 26.20 4.98 -14.60
CA ILE B 102 25.96 3.92 -15.57
C ILE B 102 26.05 2.59 -14.84
N TYR B 103 25.59 1.52 -15.50
CA TYR B 103 25.50 0.19 -14.91
C TYR B 103 26.36 -0.82 -15.67
N ALA B 104 26.93 -1.79 -14.94
CA ALA B 104 27.60 -2.91 -15.56
C ALA B 104 27.56 -4.07 -14.56
N ASP B 105 28.09 -5.21 -14.97
CA ASP B 105 27.99 -6.43 -14.16
C ASP B 105 29.32 -7.18 -14.12
N VAL B 106 29.64 -7.73 -12.95
CA VAL B 106 30.91 -8.38 -12.67
C VAL B 106 31.05 -9.76 -13.35
N GLY B 107 29.93 -10.33 -13.75
CA GLY B 107 29.92 -11.65 -14.35
C GLY B 107 29.87 -11.60 -15.87
N ASN B 108 29.39 -12.69 -16.45
CA ASN B 108 29.37 -12.85 -17.91
C ASN B 108 28.27 -12.06 -18.59
N LYS B 109 27.20 -11.78 -17.84
CA LYS B 109 26.07 -11.02 -18.37
C LYS B 109 25.45 -10.13 -17.30
N THR B 110 24.77 -9.07 -17.71
CA THR B 110 23.98 -8.27 -16.81
C THR B 110 22.76 -9.08 -16.41
N CYS B 111 22.07 -8.67 -15.36
N CYS B 111 22.08 -8.64 -15.36
CA CYS B 111 20.91 -9.45 -14.91
CA CYS B 111 20.90 -9.34 -14.87
C CYS B 111 19.82 -9.51 -15.98
C CYS B 111 19.85 -9.51 -15.97
N ALA B 112 19.71 -8.48 -16.81
CA ALA B 112 18.76 -8.50 -17.93
C ALA B 112 19.27 -9.25 -19.17
N GLY B 113 20.53 -9.71 -19.14
CA GLY B 113 21.06 -10.58 -20.20
C GLY B 113 22.01 -9.95 -21.21
N PHE B 114 22.37 -8.68 -21.02
CA PHE B 114 23.32 -8.00 -21.90
C PHE B 114 24.77 -8.31 -21.51
N PRO B 115 25.76 -7.81 -22.26
CA PRO B 115 27.14 -8.22 -22.00
C PRO B 115 27.68 -7.85 -20.62
N GLY B 116 28.27 -8.84 -19.94
CA GLY B 116 28.90 -8.63 -18.65
C GLY B 116 30.34 -8.20 -18.83
N SER B 117 30.95 -7.73 -17.75
CA SER B 117 32.32 -7.22 -17.77
C SER B 117 33.39 -8.24 -17.38
N PHE B 118 33.01 -9.46 -17.02
CA PHE B 118 33.99 -10.50 -16.70
C PHE B 118 34.94 -10.71 -17.89
N GLY B 119 36.23 -10.67 -17.61
CA GLY B 119 37.26 -10.70 -18.65
C GLY B 119 37.53 -9.36 -19.34
N TYR B 120 36.82 -8.31 -18.95
CA TYR B 120 36.93 -7.01 -19.60
C TYR B 120 36.99 -5.84 -18.62
N TYR B 121 37.42 -6.09 -17.38
CA TYR B 121 37.32 -5.08 -16.32
C TYR B 121 38.10 -3.80 -16.65
N ASP B 122 39.37 -3.94 -17.04
CA ASP B 122 40.21 -2.79 -17.38
C ASP B 122 39.65 -2.04 -18.59
N ILE B 123 39.26 -2.79 -19.61
CA ILE B 123 38.68 -2.20 -20.83
C ILE B 123 37.39 -1.43 -20.51
N ASP B 124 36.52 -2.02 -19.69
CA ASP B 124 35.26 -1.36 -19.33
C ASP B 124 35.50 -0.13 -18.43
N ALA B 125 36.40 -0.24 -17.46
CA ALA B 125 36.75 0.92 -16.63
C ALA B 125 37.27 2.08 -17.47
N GLN B 126 38.12 1.74 -18.42
CA GLN B 126 38.70 2.73 -19.33
C GLN B 126 37.65 3.37 -20.23
N THR B 127 36.74 2.55 -20.76
CA THR B 127 35.65 3.05 -21.58
C THR B 127 34.83 4.06 -20.78
N PHE B 128 34.44 3.68 -19.56
CA PHE B 128 33.62 4.57 -18.71
C PHE B 128 34.33 5.87 -18.39
N ALA B 129 35.61 5.80 -18.00
CA ALA B 129 36.40 7.01 -17.73
C ALA B 129 36.45 7.91 -18.97
N ASP B 130 36.70 7.31 -20.14
CA ASP B 130 36.81 8.05 -21.40
C ASP B 130 35.50 8.78 -21.69
N TRP B 131 34.37 8.12 -21.45
CA TRP B 131 33.04 8.73 -21.70
C TRP B 131 32.68 9.86 -20.75
N GLY B 132 33.32 9.91 -19.59
CA GLY B 132 32.99 10.93 -18.59
C GLY B 132 31.98 10.46 -17.55
N VAL B 133 31.84 9.14 -17.41
CA VAL B 133 30.99 8.56 -16.36
C VAL B 133 31.49 8.96 -14.97
N ASP B 134 30.57 9.25 -14.06
CA ASP B 134 30.90 9.68 -12.68
C ASP B 134 30.53 8.69 -11.59
N LEU B 135 29.76 7.67 -11.95
CA LEU B 135 29.34 6.65 -11.01
C LEU B 135 29.14 5.34 -11.76
N LEU B 136 29.55 4.25 -11.15
CA LEU B 136 29.31 2.95 -11.70
C LEU B 136 28.57 2.11 -10.68
N LYS B 137 27.42 1.55 -11.08
CA LYS B 137 26.72 0.55 -10.30
C LYS B 137 27.12 -0.78 -10.88
N PHE B 138 27.63 -1.68 -10.04
CA PHE B 138 28.26 -2.90 -10.53
C PHE B 138 27.60 -4.12 -9.89
N ASP B 139 26.86 -4.84 -10.73
CA ASP B 139 25.95 -5.87 -10.28
C ASP B 139 26.66 -7.22 -10.28
N GLY B 140 26.05 -8.22 -9.65
CA GLY B 140 26.70 -9.50 -9.40
C GLY B 140 26.12 -10.73 -10.07
N CYS B 141 25.26 -10.53 -11.07
CA CYS B 141 24.64 -11.66 -11.77
C CYS B 141 25.62 -12.46 -12.63
N TYR B 142 25.23 -13.71 -12.92
CA TYR B 142 25.98 -14.62 -13.79
C TYR B 142 27.46 -14.66 -13.48
N CYS B 143 27.77 -14.72 -12.19
CA CYS B 143 29.10 -14.97 -11.72
C CYS B 143 29.03 -16.26 -10.94
N ASP B 144 29.58 -17.32 -11.54
CA ASP B 144 29.49 -18.68 -11.00
C ASP B 144 30.03 -18.88 -9.58
N SER B 145 31.21 -18.34 -9.30
CA SER B 145 31.94 -18.63 -8.08
C SER B 145 32.08 -17.40 -7.19
N LEU B 146 32.13 -17.63 -5.87
CA LEU B 146 32.28 -16.52 -4.92
C LEU B 146 33.66 -15.86 -4.98
N GLU B 147 34.71 -16.64 -5.26
CA GLU B 147 36.05 -16.07 -5.38
C GLU B 147 36.20 -15.24 -6.66
N ASN B 148 35.54 -15.65 -7.75
CA ASN B 148 35.42 -14.79 -8.94
C ASN B 148 34.61 -13.53 -8.66
N LEU B 149 33.58 -13.67 -7.83
CA LEU B 149 32.77 -12.51 -7.42
C LEU B 149 33.64 -11.46 -6.73
N ALA B 150 34.32 -11.87 -5.66
CA ALA B 150 35.16 -10.95 -4.88
C ALA B 150 36.31 -10.37 -5.70
N ASP B 151 37.03 -11.23 -6.42
CA ASP B 151 38.14 -10.80 -7.28
C ASP B 151 37.67 -9.81 -8.34
N GLY B 152 36.51 -10.08 -8.93
CA GLY B 152 35.93 -9.17 -9.91
C GLY B 152 35.63 -7.80 -9.33
N TYR B 153 35.00 -7.76 -8.17
CA TYR B 153 34.64 -6.49 -7.53
C TYR B 153 35.90 -5.68 -7.14
N LYS B 154 36.90 -6.37 -6.63
CA LYS B 154 38.20 -5.77 -6.30
C LYS B 154 38.91 -5.26 -7.55
N HIS B 155 38.97 -6.09 -8.59
CA HIS B 155 39.65 -5.76 -9.84
C HIS B 155 39.05 -4.51 -10.46
N MET B 156 37.72 -4.47 -10.57
CA MET B 156 37.05 -3.30 -11.13
C MET B 156 37.32 -2.06 -10.30
N SER B 157 37.32 -2.19 -8.98
CA SER B 157 37.63 -1.06 -8.10
C SER B 157 39.01 -0.51 -8.39
N LEU B 158 39.98 -1.40 -8.50
CA LEU B 158 41.36 -1.00 -8.82
C LEU B 158 41.46 -0.40 -10.23
N ALA B 159 40.73 -0.99 -11.20
CA ALA B 159 40.74 -0.51 -12.57
C ALA B 159 40.15 0.89 -12.71
N LEU B 160 39.05 1.15 -12.01
CA LEU B 160 38.46 2.49 -11.99
C LEU B 160 39.45 3.49 -11.42
N ASN B 161 40.12 3.09 -10.34
CA ASN B 161 41.12 3.93 -9.71
C ASN B 161 42.25 4.30 -10.68
N ARG B 162 42.76 3.31 -11.43
CA ARG B 162 43.86 3.52 -12.37
C ARG B 162 43.55 4.47 -13.53
N THR B 163 42.28 4.71 -13.83
CA THR B 163 41.92 5.69 -14.87
C THR B 163 42.21 7.12 -14.44
N GLY B 164 42.31 7.34 -13.14
CA GLY B 164 42.51 8.68 -12.62
C GLY B 164 41.25 9.51 -12.55
N ARG B 165 40.13 9.00 -13.06
CA ARG B 165 38.86 9.73 -12.98
C ARG B 165 38.15 9.38 -11.66
N SER B 166 37.57 10.40 -11.04
CA SER B 166 36.76 10.24 -9.83
C SER B 166 35.41 9.58 -10.18
N ILE B 167 35.26 8.32 -9.81
CA ILE B 167 34.05 7.56 -10.12
C ILE B 167 33.52 6.90 -8.84
N VAL B 168 32.28 7.21 -8.49
CA VAL B 168 31.62 6.58 -7.34
C VAL B 168 31.38 5.13 -7.73
N TYR B 169 31.74 4.21 -6.83
CA TYR B 169 31.66 2.79 -7.10
C TYR B 169 30.64 2.15 -6.17
N SER B 170 29.51 1.77 -6.77
CA SER B 170 28.36 1.20 -6.08
C SER B 170 28.32 -0.30 -6.41
N CYS B 171 28.41 -1.13 -5.37
N CYS B 171 28.38 -1.15 -5.41
CA CYS B 171 28.61 -2.57 -5.50
CA CYS B 171 28.52 -2.57 -5.64
C CYS B 171 27.32 -3.32 -5.11
C CYS B 171 27.38 -3.35 -5.04
N GLU B 172 27.22 -4.59 -5.49
CA GLU B 172 26.17 -5.48 -4.99
C GLU B 172 26.79 -6.75 -4.39
N TRP B 173 28.08 -6.64 -4.11
CA TRP B 173 28.91 -7.72 -3.60
C TRP B 173 28.26 -8.49 -2.44
N PRO B 174 27.92 -7.84 -1.31
CA PRO B 174 27.37 -8.62 -0.19
C PRO B 174 26.03 -9.31 -0.48
N LEU B 175 25.17 -8.68 -1.27
CA LEU B 175 23.91 -9.30 -1.69
C LEU B 175 24.14 -10.67 -2.36
N TYR B 176 25.13 -10.75 -3.26
CA TYR B 176 25.41 -12.01 -3.99
C TYR B 176 26.26 -13.01 -3.21
N MET B 177 26.77 -12.60 -2.06
CA MET B 177 27.36 -13.57 -1.13
C MET B 177 26.28 -14.26 -0.28
N TRP B 178 25.10 -13.63 -0.18
CA TRP B 178 24.09 -13.97 0.83
C TRP B 178 23.98 -15.45 1.22
N PRO B 179 23.70 -16.32 0.22
CA PRO B 179 23.45 -17.71 0.62
C PRO B 179 24.70 -18.43 1.13
N PHE B 180 25.86 -18.07 0.60
CA PHE B 180 27.04 -18.92 0.68
C PHE B 180 28.10 -18.51 1.71
N GLN B 181 28.29 -17.20 1.93
CA GLN B 181 29.34 -16.77 2.83
C GLN B 181 29.02 -15.44 3.52
N LYS B 182 29.46 -15.33 4.78
CA LYS B 182 29.31 -14.13 5.59
C LYS B 182 30.18 -13.02 5.01
N PRO B 183 29.54 -11.92 4.56
CA PRO B 183 30.34 -10.85 3.99
C PRO B 183 31.25 -10.21 5.02
N ASN B 184 32.47 -9.89 4.60
CA ASN B 184 33.36 -9.08 5.41
C ASN B 184 33.29 -7.62 4.96
N TYR B 185 32.59 -6.82 5.75
CA TYR B 185 32.31 -5.44 5.39
C TYR B 185 33.54 -4.54 5.49
N THR B 186 34.51 -4.93 6.30
CA THR B 186 35.80 -4.24 6.33
C THR B 186 36.44 -4.32 4.95
N GLU B 187 36.46 -5.53 4.39
CA GLU B 187 36.98 -5.72 3.04
C GLU B 187 36.12 -4.99 2.00
N ILE B 188 34.79 -5.12 2.07
CA ILE B 188 33.91 -4.45 1.11
C ILE B 188 34.09 -2.94 1.14
N ARG B 189 34.14 -2.37 2.33
CA ARG B 189 34.30 -0.91 2.52
C ARG B 189 35.60 -0.39 1.88
N GLN B 190 36.64 -1.20 1.91
CA GLN B 190 37.93 -0.85 1.31
C GLN B 190 37.85 -0.62 -0.19
N TYR B 191 36.93 -1.33 -0.85
CA TYR B 191 36.82 -1.30 -2.30
C TYR B 191 35.58 -0.58 -2.86
N CYS B 192 34.57 -0.32 -2.04
CA CYS B 192 33.30 0.24 -2.51
C CYS B 192 32.84 1.49 -1.76
N ASN B 193 32.16 2.40 -2.47
CA ASN B 193 31.53 3.59 -1.86
C ASN B 193 30.14 3.29 -1.27
N HIS B 194 29.37 2.42 -1.92
CA HIS B 194 28.20 1.80 -1.29
C HIS B 194 27.96 0.39 -1.79
N TRP B 195 27.18 -0.36 -1.01
CA TRP B 195 26.91 -1.75 -1.26
C TRP B 195 25.46 -2.12 -0.95
N ARG B 196 24.83 -2.77 -1.92
CA ARG B 196 23.49 -3.35 -1.75
C ARG B 196 23.58 -4.62 -0.91
N ASN B 197 22.78 -4.69 0.15
CA ASN B 197 22.74 -5.84 1.07
C ASN B 197 21.60 -6.82 0.82
N PHE B 198 20.49 -6.32 0.29
CA PHE B 198 19.23 -7.06 0.30
C PHE B 198 18.55 -7.09 -1.07
N ALA B 199 17.61 -8.02 -1.25
CA ALA B 199 16.87 -8.18 -2.52
C ALA B 199 16.29 -6.86 -3.05
N ASP B 200 16.09 -6.83 -4.36
CA ASP B 200 15.60 -5.62 -5.06
C ASP B 200 14.31 -5.07 -4.43
N ILE B 201 14.23 -3.77 -4.28
CA ILE B 201 13.00 -3.17 -3.81
C ILE B 201 11.97 -3.25 -4.95
N ASP B 202 10.69 -3.23 -4.61
CA ASP B 202 9.65 -2.94 -5.60
C ASP B 202 8.66 -1.90 -5.07
N ASP B 203 7.64 -1.59 -5.86
CA ASP B 203 6.68 -0.54 -5.52
C ASP B 203 5.61 -1.11 -4.57
N SER B 204 6.02 -1.41 -3.35
CA SER B 204 5.12 -2.04 -2.40
C SER B 204 5.57 -1.85 -0.97
N TRP B 205 4.59 -1.87 -0.09
CA TRP B 205 4.81 -1.73 1.34
C TRP B 205 5.45 -3.02 1.88
N LYS B 206 5.04 -4.15 1.33
CA LYS B 206 5.66 -5.42 1.67
C LYS B 206 7.17 -5.34 1.49
N SER B 207 7.60 -4.74 0.38
CA SER B 207 9.03 -4.62 0.10
C SER B 207 9.72 -3.67 1.09
N ILE B 208 9.15 -2.48 1.34
CA ILE B 208 9.71 -1.55 2.33
C ILE B 208 9.88 -2.24 3.69
N LYS B 209 8.85 -2.95 4.13
CA LYS B 209 8.89 -3.66 5.40
C LYS B 209 9.97 -4.72 5.46
N SER B 210 10.17 -5.48 4.39
CA SER B 210 11.18 -6.55 4.45
C SER B 210 12.58 -5.96 4.48
N ILE B 211 12.79 -4.80 3.84
CA ILE B 211 14.08 -4.14 3.86
C ILE B 211 14.37 -3.59 5.26
N LEU B 212 13.37 -2.98 5.88
CA LEU B 212 13.53 -2.49 7.24
C LEU B 212 13.77 -3.61 8.21
N ASP B 213 12.99 -4.68 8.08
CA ASP B 213 13.11 -5.84 8.98
C ASP B 213 14.42 -6.58 8.80
N TRP B 214 14.93 -6.68 7.57
CA TRP B 214 16.22 -7.31 7.34
C TRP B 214 17.35 -6.47 7.92
N THR B 215 17.24 -5.16 7.77
CA THR B 215 18.24 -4.22 8.30
C THR B 215 18.32 -4.22 9.83
N SER B 216 17.18 -4.12 10.52
CA SER B 216 17.17 -4.15 11.97
C SER B 216 17.60 -5.53 12.47
N PHE B 217 17.16 -6.59 11.78
CA PHE B 217 17.59 -7.97 12.12
C PHE B 217 19.11 -8.11 12.05
N ASN B 218 19.72 -7.44 11.07
CA ASN B 218 21.16 -7.51 10.82
C ASN B 218 21.95 -6.28 11.23
N GLN B 219 21.34 -5.38 12.01
CA GLN B 219 21.99 -4.11 12.33
C GLN B 219 23.30 -4.26 13.10
N GLU B 220 23.38 -5.30 13.92
CA GLU B 220 24.59 -5.55 14.70
C GLU B 220 25.78 -5.89 13.78
N ARG B 221 25.51 -6.41 12.58
CA ARG B 221 26.56 -6.71 11.61
C ARG B 221 26.93 -5.53 10.72
N ILE B 222 25.98 -4.66 10.41
CA ILE B 222 26.18 -3.69 9.31
C ILE B 222 26.18 -2.21 9.68
N VAL B 223 25.58 -1.83 10.81
CA VAL B 223 25.43 -0.41 11.13
C VAL B 223 26.77 0.29 11.35
N ASP B 224 27.68 -0.35 12.08
CA ASP B 224 28.95 0.29 12.44
C ASP B 224 29.96 0.38 11.29
N VAL B 225 29.80 -0.49 10.29
CA VAL B 225 30.67 -0.44 9.11
C VAL B 225 30.46 0.83 8.29
N ALA B 226 29.26 1.39 8.33
CA ALA B 226 28.92 2.54 7.52
C ALA B 226 29.55 3.83 8.05
N GLY B 227 29.75 4.79 7.15
CA GLY B 227 30.39 6.05 7.48
C GLY B 227 30.84 6.76 6.21
N PRO B 228 31.34 8.00 6.34
CA PRO B 228 31.81 8.77 5.18
C PRO B 228 32.63 7.92 4.21
N GLY B 229 32.25 7.93 2.94
CA GLY B 229 32.93 7.15 1.92
C GLY B 229 32.44 5.72 1.70
N GLY B 230 31.60 5.21 2.61
CA GLY B 230 31.16 3.81 2.58
C GLY B 230 29.81 3.57 3.25
N TRP B 231 28.75 3.38 2.46
CA TRP B 231 27.37 3.29 2.97
C TRP B 231 26.64 1.97 2.66
N ASN B 232 25.76 1.55 3.57
CA ASN B 232 24.81 0.48 3.27
C ASN B 232 23.75 1.02 2.32
N ASP B 233 23.43 0.24 1.28
CA ASP B 233 22.44 0.63 0.28
C ASP B 233 21.19 -0.27 0.41
N PRO B 234 20.09 0.27 0.95
CA PRO B 234 18.85 -0.50 1.09
C PRO B 234 17.95 -0.41 -0.16
N ASP B 235 18.48 0.19 -1.22
CA ASP B 235 17.86 0.29 -2.56
C ASP B 235 17.06 1.59 -2.72
N MET B 236 16.44 1.76 -3.89
CA MET B 236 15.84 3.01 -4.32
C MET B 236 14.68 3.50 -3.47
N LEU B 237 14.51 4.82 -3.45
CA LEU B 237 13.27 5.43 -3.03
C LEU B 237 12.25 5.23 -4.14
N VAL B 238 11.06 4.76 -3.78
CA VAL B 238 9.99 4.50 -4.74
C VAL B 238 8.81 5.42 -4.52
N ILE B 239 9.05 6.51 -3.79
CA ILE B 239 8.07 7.53 -3.51
C ILE B 239 7.69 8.22 -4.82
N GLY B 240 6.41 8.53 -4.96
CA GLY B 240 5.90 9.21 -6.16
C GLY B 240 5.43 8.25 -7.25
N ASN B 241 5.43 6.95 -6.98
CA ASN B 241 4.94 5.98 -7.96
C ASN B 241 3.50 5.54 -7.66
N PHE B 242 3.25 4.25 -7.49
CA PHE B 242 1.87 3.74 -7.54
C PHE B 242 1.44 2.86 -6.37
N GLY B 243 2.39 2.25 -5.67
CA GLY B 243 2.07 1.18 -4.75
C GLY B 243 2.05 1.54 -3.26
N LEU B 244 2.42 2.78 -2.93
CA LEU B 244 2.50 3.18 -1.52
C LEU B 244 1.43 4.23 -1.16
N SER B 245 0.80 4.05 0.00
CA SER B 245 -0.06 5.11 0.55
C SER B 245 0.82 6.29 0.95
N TRP B 246 0.21 7.46 1.18
CA TRP B 246 0.96 8.60 1.65
C TRP B 246 1.81 8.28 2.88
N ASN B 247 1.26 7.55 3.85
CA ASN B 247 1.97 7.28 5.09
C ASN B 247 3.15 6.32 4.93
N GLN B 248 3.02 5.40 3.99
CA GLN B 248 4.09 4.47 3.68
C GLN B 248 5.24 5.18 2.97
N GLN B 249 4.93 6.21 2.18
CA GLN B 249 5.93 7.05 1.55
C GLN B 249 6.71 7.84 2.60
N VAL B 250 5.99 8.50 3.52
CA VAL B 250 6.62 9.17 4.66
C VAL B 250 7.53 8.20 5.41
N THR B 251 7.04 7.00 5.69
CA THR B 251 7.88 5.99 6.34
C THR B 251 9.18 5.74 5.57
N GLN B 252 9.11 5.56 4.25
CA GLN B 252 10.35 5.30 3.51
C GLN B 252 11.33 6.47 3.61
N MET B 253 10.84 7.69 3.44
CA MET B 253 11.72 8.86 3.45
C MET B 253 12.41 9.02 4.83
N ALA B 254 11.63 8.84 5.89
CA ALA B 254 12.15 9.01 7.24
C ALA B 254 13.17 7.93 7.56
N LEU B 255 12.91 6.71 7.15
CA LEU B 255 13.80 5.62 7.54
C LEU B 255 15.07 5.58 6.67
N TRP B 256 14.97 5.91 5.39
CA TRP B 256 16.15 6.08 4.55
C TRP B 256 17.06 7.22 5.07
N ALA B 257 16.49 8.22 5.73
CA ALA B 257 17.29 9.26 6.42
C ALA B 257 17.98 8.70 7.65
N ILE B 258 17.23 7.96 8.47
CA ILE B 258 17.77 7.32 9.68
C ILE B 258 18.90 6.35 9.34
N MET B 259 18.77 5.65 8.22
CA MET B 259 19.72 4.63 7.82
C MET B 259 20.97 5.15 7.09
N ALA B 260 21.09 6.46 6.91
CA ALA B 260 22.23 7.04 6.17
C ALA B 260 22.33 6.33 4.81
N ALA B 261 21.18 6.20 4.15
CA ALA B 261 21.12 5.49 2.89
C ALA B 261 21.42 6.45 1.73
N PRO B 262 22.07 5.95 0.69
CA PRO B 262 22.04 6.71 -0.55
C PRO B 262 20.59 6.92 -0.94
N LEU B 263 20.29 8.08 -1.49
CA LEU B 263 18.93 8.43 -1.87
C LEU B 263 18.84 8.49 -3.38
N PHE B 264 18.55 7.35 -3.98
CA PHE B 264 18.33 7.27 -5.42
C PHE B 264 16.83 7.16 -5.66
N MET B 265 16.24 8.25 -6.17
CA MET B 265 14.85 8.22 -6.57
C MET B 265 14.72 7.35 -7.82
N SER B 266 13.65 6.56 -7.88
CA SER B 266 13.25 5.91 -9.13
C SER B 266 11.78 6.21 -9.33
N ASN B 267 11.52 7.19 -10.17
CA ASN B 267 10.17 7.65 -10.41
C ASN B 267 10.14 8.38 -11.74
N ASP B 268 9.01 8.94 -12.12
CA ASP B 268 8.93 9.71 -13.34
C ASP B 268 8.83 11.18 -12.98
N LEU B 269 9.94 11.91 -13.15
CA LEU B 269 9.99 13.33 -12.76
C LEU B 269 9.05 14.22 -13.59
N ARG B 270 8.61 13.70 -14.73
CA ARG B 270 7.65 14.40 -15.58
C ARG B 270 6.23 14.33 -15.02
N HIS B 271 5.94 13.27 -14.27
CA HIS B 271 4.61 13.05 -13.70
C HIS B 271 4.74 12.65 -12.23
N ILE B 272 4.96 13.64 -11.38
CA ILE B 272 5.11 13.42 -9.96
C ILE B 272 4.21 14.40 -9.22
N SER B 273 3.49 13.92 -8.21
CA SER B 273 2.56 14.76 -7.46
C SER B 273 3.32 15.82 -6.66
N PRO B 274 2.70 17.00 -6.45
CA PRO B 274 3.33 18.02 -5.63
C PRO B 274 3.66 17.54 -4.22
N GLN B 275 2.81 16.71 -3.64
CA GLN B 275 3.06 16.09 -2.32
C GLN B 275 4.32 15.24 -2.29
N ALA B 276 4.48 14.38 -3.29
CA ALA B 276 5.65 13.50 -3.39
C ALA B 276 6.92 14.33 -3.57
N LYS B 277 6.83 15.37 -4.39
CA LYS B 277 7.95 16.27 -4.62
C LYS B 277 8.40 16.96 -3.34
N ALA B 278 7.45 17.50 -2.57
CA ALA B 278 7.79 18.22 -1.33
C ALA B 278 8.44 17.26 -0.32
N LEU B 279 7.94 16.03 -0.25
CA LEU B 279 8.52 15.05 0.66
C LEU B 279 9.96 14.71 0.27
N LEU B 280 10.18 14.43 -1.02
CA LEU B 280 11.50 14.00 -1.50
C LEU B 280 12.51 15.15 -1.47
N GLN B 281 12.01 16.38 -1.55
CA GLN B 281 12.85 17.58 -1.47
C GLN B 281 12.87 18.20 -0.08
N ASP B 282 12.34 17.51 0.94
CA ASP B 282 12.26 18.07 2.30
C ASP B 282 13.65 18.35 2.88
N LYS B 283 13.98 19.62 3.05
CA LYS B 283 15.36 19.99 3.33
C LYS B 283 15.84 19.54 4.70
N ASP B 284 14.96 19.57 5.70
CA ASP B 284 15.31 19.11 7.05
C ASP B 284 15.53 17.60 7.09
N VAL B 285 14.75 16.86 6.31
CA VAL B 285 14.89 15.40 6.29
C VAL B 285 16.14 15.02 5.52
N ILE B 286 16.36 15.69 4.38
CA ILE B 286 17.59 15.50 3.61
C ILE B 286 18.81 15.84 4.48
N ALA B 287 18.74 16.93 5.24
CA ALA B 287 19.85 17.33 6.13
C ALA B 287 20.19 16.24 7.15
N ILE B 288 19.18 15.49 7.59
CA ILE B 288 19.43 14.33 8.45
C ILE B 288 20.18 13.22 7.69
N ASN B 289 19.68 12.86 6.51
CA ASN B 289 20.34 11.84 5.69
C ASN B 289 21.80 12.21 5.39
N GLN B 290 22.00 13.47 5.05
CA GLN B 290 23.31 14.03 4.68
C GLN B 290 24.14 14.55 5.86
N ASP B 291 23.81 14.16 7.09
CA ASP B 291 24.54 14.65 8.25
C ASP B 291 26.03 14.31 8.14
N PRO B 292 26.91 15.33 8.34
CA PRO B 292 28.36 15.17 8.12
C PRO B 292 29.02 14.05 8.93
N LEU B 293 28.52 13.79 10.14
CA LEU B 293 29.08 12.75 11.00
C LEU B 293 28.94 11.36 10.36
N GLY B 294 27.88 11.18 9.59
CA GLY B 294 27.66 9.94 8.86
C GLY B 294 27.60 8.68 9.70
N LYS B 295 26.97 8.74 10.87
CA LYS B 295 26.78 7.55 11.69
C LYS B 295 25.40 6.99 11.37
N GLN B 296 25.35 5.74 10.90
CA GLN B 296 24.08 5.12 10.54
C GLN B 296 23.23 4.91 11.79
N GLY B 297 21.92 5.10 11.66
CA GLY B 297 20.99 4.87 12.73
C GLY B 297 20.66 3.40 12.89
N TYR B 298 19.76 3.11 13.82
CA TYR B 298 19.49 1.73 14.20
C TYR B 298 18.14 1.63 14.91
N GLN B 299 17.61 0.43 15.02
CA GLN B 299 16.38 0.24 15.74
C GLN B 299 16.72 0.15 17.23
N LEU B 300 16.10 1.02 18.01
CA LEU B 300 16.30 1.07 19.46
C LEU B 300 15.31 0.13 20.15
N ARG B 301 14.09 0.09 19.67
CA ARG B 301 13.03 -0.61 20.36
C ARG B 301 11.98 -1.17 19.41
N GLN B 302 11.44 -2.34 19.74
CA GLN B 302 10.28 -2.86 19.04
C GLN B 302 9.36 -3.61 20.00
N GLY B 303 8.07 -3.35 19.89
CA GLY B 303 7.06 -4.01 20.71
C GLY B 303 5.70 -3.39 20.48
N ASP B 304 4.64 -4.20 20.60
CA ASP B 304 3.26 -3.74 20.46
C ASP B 304 3.02 -3.12 19.06
N ASN B 305 3.62 -3.75 18.05
CA ASN B 305 3.59 -3.24 16.68
C ASN B 305 4.08 -1.79 16.53
N PHE B 306 4.98 -1.38 17.41
CA PHE B 306 5.67 -0.10 17.27
C PHE B 306 7.14 -0.38 17.12
N GLU B 307 7.85 0.52 16.47
CA GLU B 307 9.30 0.47 16.36
C GLU B 307 9.84 1.85 16.60
N VAL B 308 10.92 1.95 17.37
CA VAL B 308 11.63 3.22 17.52
C VAL B 308 13.03 3.05 16.96
N TRP B 309 13.39 3.95 16.03
CA TRP B 309 14.73 3.98 15.47
C TRP B 309 15.34 5.32 15.83
N GLU B 310 16.65 5.37 15.99
CA GLU B 310 17.32 6.63 16.24
C GLU B 310 18.65 6.74 15.51
N ARG B 311 19.05 7.98 15.24
CA ARG B 311 20.32 8.26 14.60
C ARG B 311 21.08 9.40 15.30
N PRO B 312 22.34 9.17 15.69
CA PRO B 312 23.14 10.25 16.23
C PRO B 312 23.58 11.16 15.11
N LEU B 313 23.40 12.46 15.31
CA LEU B 313 23.77 13.48 14.35
C LEU B 313 24.95 14.32 14.91
N SER B 314 25.49 15.18 14.06
CA SER B 314 26.50 16.15 14.47
C SER B 314 25.88 17.22 15.37
N GLY B 315 26.73 17.89 16.15
CA GLY B 315 26.29 18.95 17.07
C GLY B 315 25.50 18.43 18.26
N LEU B 316 25.77 17.20 18.66
CA LEU B 316 25.07 16.54 19.77
C LEU B 316 23.55 16.33 19.56
N ALA B 317 23.08 16.42 18.31
CA ALA B 317 21.67 16.27 17.99
C ALA B 317 21.35 14.79 17.72
N TRP B 318 20.05 14.45 17.72
CA TRP B 318 19.59 13.10 17.41
C TRP B 318 18.34 13.13 16.54
N ALA B 319 18.22 12.18 15.63
CA ALA B 319 16.98 11.96 14.88
C ALA B 319 16.30 10.72 15.44
N VAL B 320 15.00 10.82 15.65
CA VAL B 320 14.23 9.70 16.18
C VAL B 320 13.00 9.46 15.32
N ALA B 321 12.80 8.20 14.94
CA ALA B 321 11.65 7.80 14.13
C ALA B 321 10.85 6.73 14.88
N MET B 322 9.54 6.92 14.91
CA MET B 322 8.63 6.00 15.57
C MET B 322 7.64 5.51 14.52
N ILE B 323 7.65 4.21 14.27
CA ILE B 323 6.83 3.60 13.23
C ILE B 323 5.67 2.79 13.83
N ASN B 324 4.47 2.96 13.28
CA ASN B 324 3.31 2.17 13.66
C ASN B 324 3.08 1.06 12.63
N ARG B 325 3.40 -0.17 13.01
CA ARG B 325 3.27 -1.31 12.12
C ARG B 325 1.92 -2.02 12.22
N GLN B 326 0.97 -1.46 12.97
CA GLN B 326 -0.36 -2.06 13.07
C GLN B 326 -1.20 -1.56 11.90
N GLU B 327 -1.59 -2.46 11.01
CA GLU B 327 -2.21 -2.09 9.74
C GLU B 327 -3.73 -2.22 9.78
N ILE B 328 -4.30 -1.79 10.89
CA ILE B 328 -5.74 -1.78 11.11
C ILE B 328 -6.03 -0.65 12.11
N GLY B 329 -7.23 -0.11 12.10
CA GLY B 329 -7.59 0.92 13.06
C GLY B 329 -7.11 2.29 12.64
N GLY B 330 -6.95 3.18 13.62
CA GLY B 330 -6.61 4.56 13.37
C GLY B 330 -5.28 4.93 14.00
N PRO B 331 -4.98 6.24 14.02
CA PRO B 331 -3.74 6.69 14.65
C PRO B 331 -3.64 6.15 16.08
N ARG B 332 -2.50 5.57 16.42
CA ARG B 332 -2.29 5.00 17.73
C ARG B 332 -1.33 5.86 18.55
N SER B 333 -1.61 5.94 19.84
CA SER B 333 -0.82 6.74 20.77
C SER B 333 0.41 5.97 21.18
N TYR B 334 1.54 6.66 21.22
CA TYR B 334 2.79 6.06 21.68
C TYR B 334 3.51 7.05 22.58
N THR B 335 3.98 6.54 23.72
CA THR B 335 4.66 7.35 24.70
C THR B 335 6.02 6.75 24.98
N ILE B 336 7.04 7.59 25.04
CA ILE B 336 8.38 7.13 25.39
C ILE B 336 9.08 8.13 26.32
N ALA B 337 9.83 7.59 27.27
CA ALA B 337 10.64 8.41 28.18
C ALA B 337 11.80 8.98 27.38
N VAL B 338 11.96 10.29 27.39
CA VAL B 338 13.02 10.92 26.60
C VAL B 338 14.42 10.53 27.11
N ALA B 339 14.50 10.08 28.36
CA ALA B 339 15.75 9.54 28.92
C ALA B 339 16.19 8.20 28.29
N SER B 340 15.28 7.56 27.54
CA SER B 340 15.61 6.33 26.79
C SER B 340 16.25 6.62 25.42
N LEU B 341 16.07 7.85 24.95
CA LEU B 341 16.58 8.29 23.65
C LEU B 341 18.04 8.74 23.75
N GLY B 342 18.78 8.54 22.66
CA GLY B 342 20.15 9.04 22.56
C GLY B 342 21.10 8.55 23.65
N LYS B 343 20.94 7.28 24.00
CA LYS B 343 21.75 6.62 25.03
C LYS B 343 21.70 7.33 26.38
N GLY B 344 20.62 8.07 26.61
CA GLY B 344 20.44 8.80 27.86
C GLY B 344 21.10 10.16 27.94
N VAL B 345 21.75 10.60 26.86
CA VAL B 345 22.44 11.90 26.87
C VAL B 345 21.78 12.93 25.96
N ALA B 346 20.85 12.49 25.11
CA ALA B 346 20.19 13.38 24.16
C ALA B 346 19.43 14.51 24.86
N CYS B 347 18.81 14.21 25.99
CA CYS B 347 17.95 15.17 26.68
C CYS B 347 18.35 15.35 28.14
N ASN B 348 19.64 15.23 28.43
CA ASN B 348 20.16 15.51 29.76
C ASN B 348 21.01 16.79 29.76
N PRO B 349 20.59 17.83 30.48
CA PRO B 349 19.40 17.96 31.35
C PRO B 349 18.10 18.19 30.59
N ALA B 350 18.19 18.63 29.33
CA ALA B 350 17.01 18.87 28.51
C ALA B 350 17.35 18.88 27.02
N CYS B 351 16.33 18.77 26.18
CA CYS B 351 16.48 18.86 24.73
C CYS B 351 15.29 19.59 24.16
N PHE B 352 15.48 20.24 23.02
CA PHE B 352 14.37 20.80 22.25
C PHE B 352 13.98 19.81 21.16
N ILE B 353 12.69 19.51 21.05
CA ILE B 353 12.22 18.50 20.11
C ILE B 353 11.38 19.14 19.01
N THR B 354 11.76 18.85 17.77
CA THR B 354 11.03 19.31 16.59
C THR B 354 10.55 18.10 15.79
N GLN B 355 9.26 18.06 15.50
CA GLN B 355 8.73 17.05 14.60
C GLN B 355 9.01 17.50 13.18
N LEU B 356 9.52 16.59 12.35
CA LEU B 356 9.79 16.86 10.94
C LEU B 356 8.75 16.23 10.04
N LEU B 357 8.36 14.98 10.36
CA LEU B 357 7.35 14.28 9.58
C LEU B 357 6.31 13.70 10.52
N PRO B 358 5.06 13.59 10.07
CA PRO B 358 4.56 13.90 8.72
C PRO B 358 4.37 15.38 8.42
N VAL B 359 4.35 16.22 9.45
CA VAL B 359 4.32 17.67 9.25
C VAL B 359 5.33 18.30 10.19
N LYS B 360 5.88 19.45 9.79
CA LYS B 360 6.86 20.14 10.62
C LYS B 360 6.16 20.93 11.73
N ARG B 361 6.61 20.73 12.96
CA ARG B 361 6.13 21.56 14.08
C ARG B 361 7.06 21.42 15.29
N LYS B 362 7.27 22.54 15.97
CA LYS B 362 8.12 22.58 17.15
C LYS B 362 7.31 22.05 18.32
N LEU B 363 7.90 21.14 19.10
CA LEU B 363 7.20 20.55 20.23
C LEU B 363 7.59 21.18 21.58
N GLY B 364 8.75 21.82 21.63
CA GLY B 364 9.20 22.53 22.83
C GLY B 364 10.33 21.82 23.54
N PHE B 365 10.62 22.26 24.75
CA PHE B 365 11.69 21.69 25.56
C PHE B 365 11.17 20.52 26.38
N TYR B 366 12.00 19.49 26.52
CA TYR B 366 11.66 18.29 27.27
C TYR B 366 12.78 17.98 28.26
N GLU B 367 12.43 17.97 29.54
CA GLU B 367 13.37 17.69 30.62
C GLU B 367 13.75 16.21 30.59
N TRP B 368 14.91 15.87 31.13
CA TRP B 368 15.40 14.48 31.15
C TRP B 368 14.37 13.49 31.68
N THR B 369 13.55 13.93 32.64
CA THR B 369 12.57 13.05 33.29
C THR B 369 11.22 12.98 32.57
N SER B 370 11.03 13.79 31.53
CA SER B 370 9.73 13.89 30.88
C SER B 370 9.44 12.74 29.91
N ARG B 371 8.19 12.68 29.46
CA ARG B 371 7.70 11.67 28.54
C ARG B 371 7.24 12.32 27.25
N LEU B 372 7.56 11.69 26.12
CA LEU B 372 7.12 12.19 24.82
C LEU B 372 5.91 11.38 24.34
N ARG B 373 4.80 12.06 24.08
CA ARG B 373 3.59 11.43 23.58
C ARG B 373 3.38 11.80 22.12
N SER B 374 3.10 10.78 21.31
CA SER B 374 2.86 11.01 19.90
C SER B 374 1.68 10.17 19.44
N HIS B 375 1.07 10.58 18.34
CA HIS B 375 0.05 9.79 17.64
C HIS B 375 0.57 9.44 16.25
N ILE B 376 0.57 8.15 15.94
CA ILE B 376 1.21 7.66 14.72
C ILE B 376 0.19 6.90 13.87
N ASN B 377 -0.05 7.39 12.65
CA ASN B 377 -0.92 6.72 11.69
C ASN B 377 -0.45 5.31 11.40
N PRO B 378 -1.39 4.38 11.11
CA PRO B 378 -1.01 3.04 10.67
C PRO B 378 -0.13 3.04 9.40
N THR B 379 0.95 2.27 9.43
CA THR B 379 1.99 2.24 8.39
C THR B 379 2.75 3.56 8.25
N GLY B 380 2.42 4.54 9.08
CA GLY B 380 3.11 5.82 9.11
C GLY B 380 4.23 5.90 10.12
N THR B 381 4.91 7.03 10.11
CA THR B 381 6.06 7.27 10.95
C THR B 381 6.00 8.70 11.42
N VAL B 382 6.38 8.95 12.66
CA VAL B 382 6.69 10.28 13.13
C VAL B 382 8.22 10.37 13.19
N LEU B 383 8.78 11.44 12.63
CA LEU B 383 10.23 11.67 12.67
C LEU B 383 10.50 12.93 13.48
N LEU B 384 11.38 12.81 14.46
CA LEU B 384 11.70 13.90 15.38
C LEU B 384 13.18 14.23 15.31
N GLN B 385 13.49 15.49 15.56
CA GLN B 385 14.87 15.91 15.76
C GLN B 385 15.03 16.48 17.17
N LEU B 386 16.03 15.96 17.88
CA LEU B 386 16.34 16.39 19.25
C LEU B 386 17.61 17.24 19.21
N GLU B 387 17.56 18.42 19.83
CA GLU B 387 18.69 19.35 19.87
C GLU B 387 18.87 19.94 21.27
N ASN B 388 20.06 20.48 21.53
CA ASN B 388 20.34 21.20 22.79
C ASN B 388 19.44 22.42 22.94
N THR B 389 19.36 23.22 21.89
CA THR B 389 18.51 24.40 21.85
C THR B 389 17.78 24.47 20.51
N MET B 390 16.82 25.38 20.39
CA MET B 390 16.03 25.54 19.16
C MET B 390 16.88 26.16 18.05
#